data_8B8R
#
_entry.id   8B8R
#
_cell.length_a   1.00
_cell.length_b   1.00
_cell.length_c   1.00
_cell.angle_alpha   90.00
_cell.angle_beta   90.00
_cell.angle_gamma   90.00
#
_symmetry.space_group_name_H-M   'P 1'
#
loop_
_entity.id
_entity.type
_entity.pdbx_description
1 polymer VP1
2 polymer VP2
3 polymer VP3
4 polymer VP4
5 polymer 'DECAY ACCELERATING FACTOR (CD55)'
6 non-polymer SPHINGOSINE
#
loop_
_entity_poly.entity_id
_entity_poly.type
_entity_poly.pdbx_seq_one_letter_code
_entity_poly.pdbx_strand_id
1 'polypeptide(L)'
;GDVVEAIEGAVARVADTISSGPTNSQAVPALTAVETGHTSQVVPGDTMQTRHVKNYHSRSESTIENFLSRSACVYMGEYY
TTNTDETKRFASWTINARRMVQMRRKLEMFTYVRFDVEVTFVITSKQDQGTQLGQDMPPLTHQIMYIPPGGPIPKSTTDY
AWQTSTNPSIFWTEGNAPPRMSIPFVSIGNAYSNFYDGWSHFSQNGVYGYNTLNNMGQLYMRHVNGPSPLPMTSIVRVYF
KPKHVKAWVPRPPRLCQYKNASTVNFSSTNITDKRDSITHVPDTVKPDVTTH
;
A
2 'polypeptide(L)'
;SPSAEECGYSDRVRSITLGNSTITTQECANVVVAYGRWPEYLSDKEATAEDQPTQPDVATCRFYTLESVTWEKDSPGWWW
KFPDALKDMGLFGQNMYYHYLGRAGYTIHVQCNASKFHQGCLLVVCVPEAEMGCSDVGGTVNEHAISEGEIAKKFSATAT
NGAHTVQSIVTNAGMGVGVGNLTIYPHQWVNLRTNNSATIVMPYINSVPMDNMFRHHNFTLMIIPFVSLDYSSDASTYVP
ITVTVAPMCAEYNGLRLATSLQ
;
B
3 'polypeptide(L)'
;GLPVMNTPGSNQFLTSDDFQSPSAMPQFDVTPELDIPGEVKNLMEIAEVDSVVPVNNVVGKLDTMDIFRIPVQSGNHQST
QVFGFQVQPGLDSVFKHTLLGEILNYYAHWSGSVKLTFVFCGSAMATGKFLLAYSPPGANAPKTRKDAMLGTHVIWDVGL
QSSCVLCIPWISQTHYRLVHQDEYTSAGNVTCWYQTGIVVPAGTPTLCSIMCFVSACNDFSVRLLKDTPFIEQSALLQ
;
C
4 'polypeptide(L)' MGAQVSTQKTGAHETGLNASGNSIIHYTNINYYKDAASNSANRQDFTQDPGKFTEPVKDIMIKSMPALN D
5 'polypeptide(L)'
;(MSE)GCVAETGDCGLPPDVPNAQPALEGRTSFPEDTVITYKCEESFVKIPGEKDSVICLKGSQWSDIEEFCNRSCEVPT
RLNSASLKQPYITQNYFPVGTVVEYECRPGYRREPSLSPKLTCLQNLKWSTAVEFCKKKSCPNPGEIRNGQIDVPGGILF
GATISFSCNTGYKLFGSTSSFCLISGSSVQWSDPLPECREIYCPAPPQIDNGIIQGERDHYGYRQSVTYACNKGFT
(MSE)IGEHSIYCTVNNDEGEWSGPPPECRGGTKHHHHHH
;
E
#
loop_
_chem_comp.id
_chem_comp.type
_chem_comp.name
_chem_comp.formula
SPH non-polymer SPHINGOSINE 'C18 H37 N O2'
#
# COMPACT_ATOMS: atom_id res chain seq x y z
N GLY A 1 -11.60 18.68 44.54
CA GLY A 1 -11.91 18.20 43.20
C GLY A 1 -13.30 18.53 42.72
N ASP A 2 -14.04 19.26 43.55
CA ASP A 2 -15.39 19.66 43.18
C ASP A 2 -15.37 20.95 42.34
N VAL A 3 -14.67 21.96 42.83
CA VAL A 3 -14.54 23.23 42.11
C VAL A 3 -13.31 23.21 41.23
N VAL A 4 -12.21 22.70 41.73
CA VAL A 4 -10.96 22.64 40.97
C VAL A 4 -10.33 21.29 41.18
N GLU A 5 -9.75 20.74 40.12
CA GLU A 5 -9.07 19.45 40.12
C GLU A 5 -7.70 19.68 39.49
N ALA A 6 -6.64 19.49 40.26
CA ALA A 6 -5.30 19.66 39.73
C ALA A 6 -4.94 18.50 38.81
N ILE A 7 -3.89 18.69 38.02
CA ILE A 7 -3.43 17.71 37.03
C ILE A 7 -1.91 17.75 36.99
N GLU A 8 -1.28 16.58 37.16
CA GLU A 8 0.16 16.50 37.33
C GLU A 8 0.85 16.62 35.98
N GLY A 9 1.92 17.40 35.93
CA GLY A 9 2.65 17.66 34.70
C GLY A 9 3.32 16.45 34.09
N ALA A 10 2.81 16.01 32.94
CA ALA A 10 3.22 14.78 32.29
C ALA A 10 4.60 14.87 31.63
N VAL A 11 5.36 15.92 31.94
CA VAL A 11 6.62 16.25 31.28
C VAL A 11 7.46 15.03 31.00
N ALA A 12 7.94 14.90 29.75
CA ALA A 12 8.75 13.76 29.34
C ALA A 12 9.97 14.27 28.59
N ARG A 13 11.13 14.19 29.24
CA ARG A 13 12.40 14.53 28.63
C ARG A 13 12.95 13.36 27.84
N VAL A 14 13.95 13.63 27.01
CA VAL A 14 14.69 12.58 26.35
C VAL A 14 15.73 12.04 27.32
N ALA A 15 16.36 10.92 26.98
CA ALA A 15 17.31 10.27 27.86
C ALA A 15 18.57 11.11 28.00
N ASP A 16 19.20 10.99 29.17
CA ASP A 16 20.45 11.68 29.44
C ASP A 16 21.60 11.00 28.73
N THR A 17 22.77 11.62 28.79
CA THR A 17 24.01 10.98 28.39
C THR A 17 24.74 10.54 29.65
N ILE A 18 24.92 9.25 29.79
CA ILE A 18 25.64 8.68 30.91
C ILE A 18 27.13 8.71 30.61
N SER A 19 27.93 8.96 31.64
CA SER A 19 29.36 9.07 31.45
C SER A 19 29.99 7.69 31.33
N SER A 20 30.87 7.53 30.35
CA SER A 20 31.52 6.26 30.08
C SER A 20 33.02 6.49 29.94
N GLY A 21 33.80 5.73 30.70
CA GLY A 21 35.23 5.81 30.62
C GLY A 21 35.78 4.85 29.60
N PRO A 22 37.09 4.61 29.61
CA PRO A 22 37.68 3.67 28.66
C PRO A 22 37.34 2.24 29.02
N THR A 23 37.27 1.39 28.00
CA THR A 23 36.90 0.00 28.22
C THR A 23 37.82 -0.94 27.45
N ASN A 24 37.93 -2.16 27.97
CA ASN A 24 38.61 -3.27 27.31
C ASN A 24 37.94 -4.52 27.86
N SER A 25 36.97 -5.06 27.15
CA SER A 25 36.20 -6.17 27.67
C SER A 25 35.62 -7.00 26.54
N GLN A 26 34.91 -8.05 26.92
CA GLN A 26 34.21 -8.90 25.97
C GLN A 26 32.81 -8.40 25.63
N ALA A 27 32.39 -7.30 26.25
CA ALA A 27 31.15 -6.66 25.84
C ALA A 27 31.36 -5.94 24.51
N VAL A 28 30.44 -6.15 23.58
CA VAL A 28 30.52 -5.57 22.24
C VAL A 28 29.18 -4.97 21.86
N PRO A 29 28.86 -3.75 22.29
CA PRO A 29 27.57 -3.17 21.91
C PRO A 29 27.51 -2.72 20.46
N ALA A 30 28.64 -2.31 19.87
CA ALA A 30 28.65 -1.90 18.49
C ALA A 30 28.52 -3.07 17.53
N LEU A 31 28.58 -4.29 18.01
CA LEU A 31 28.46 -5.48 17.18
C LEU A 31 27.10 -6.10 17.40
N THR A 32 26.29 -6.15 16.34
CA THR A 32 24.92 -6.62 16.46
C THR A 32 24.55 -7.36 15.17
N ALA A 33 23.26 -7.59 15.00
CA ALA A 33 22.74 -8.35 13.86
C ALA A 33 21.45 -7.69 13.39
N VAL A 34 21.50 -6.99 12.26
CA VAL A 34 20.28 -6.44 11.69
C VAL A 34 19.40 -7.53 11.11
N GLU A 35 19.95 -8.73 10.92
CA GLU A 35 19.19 -9.85 10.39
C GLU A 35 18.02 -10.22 11.28
N THR A 36 18.06 -9.82 12.54
CA THR A 36 17.01 -10.13 13.49
C THR A 36 15.82 -9.18 13.40
N GLY A 37 15.86 -8.18 12.53
CA GLY A 37 14.81 -7.19 12.51
C GLY A 37 14.78 -6.31 13.73
N HIS A 38 15.90 -6.20 14.43
CA HIS A 38 16.00 -5.53 15.71
C HIS A 38 16.94 -4.35 15.54
N THR A 39 16.49 -3.16 15.95
CA THR A 39 17.34 -1.99 15.88
C THR A 39 18.22 -1.93 17.11
N SER A 40 19.51 -1.67 16.90
CA SER A 40 20.45 -1.64 18.01
C SER A 40 20.10 -0.54 18.99
N GLN A 41 20.12 -0.86 20.27
CA GLN A 41 19.86 0.10 21.33
C GLN A 41 21.13 0.72 21.87
N VAL A 42 22.14 0.88 21.02
CA VAL A 42 23.40 1.46 21.42
C VAL A 42 23.24 2.96 21.67
N VAL A 43 23.87 3.45 22.74
CA VAL A 43 23.94 4.86 23.04
C VAL A 43 25.36 5.32 22.73
N PRO A 44 25.64 6.62 22.69
CA PRO A 44 27.01 7.06 22.38
C PRO A 44 28.04 6.63 23.40
N GLY A 45 27.64 6.31 24.61
CA GLY A 45 28.60 5.94 25.64
C GLY A 45 29.25 4.60 25.41
N ASP A 46 28.74 3.81 24.49
CA ASP A 46 29.31 2.49 24.24
C ASP A 46 30.47 2.53 23.27
N THR A 47 30.46 3.44 22.31
CA THR A 47 31.44 3.46 21.24
C THR A 47 32.47 4.56 21.41
N MET A 48 32.41 5.31 22.51
CA MET A 48 33.36 6.37 22.77
C MET A 48 33.16 6.83 24.19
N GLN A 49 34.13 7.56 24.71
CA GLN A 49 34.03 8.13 26.04
C GLN A 49 33.14 9.36 26.01
N THR A 50 32.25 9.45 26.98
CA THR A 50 31.25 10.49 27.02
C THR A 50 31.28 11.16 28.38
N ARG A 51 31.10 12.46 28.40
CA ARG A 51 30.81 13.15 29.65
C ARG A 51 29.37 12.85 30.04
N HIS A 52 29.03 13.21 31.28
CA HIS A 52 27.63 13.20 31.67
C HIS A 52 26.97 14.46 31.17
N VAL A 53 25.92 14.31 30.38
CA VAL A 53 25.11 15.42 29.91
C VAL A 53 23.71 15.22 30.44
N LYS A 54 23.24 16.15 31.26
CA LYS A 54 21.84 16.16 31.67
C LYS A 54 21.03 16.83 30.58
N ASN A 55 20.11 16.09 29.98
CA ASN A 55 19.38 16.55 28.81
C ASN A 55 17.99 17.03 29.21
N TYR A 56 17.62 18.23 28.76
CA TYR A 56 16.31 18.81 29.05
C TYR A 56 15.41 18.86 27.83
N HIS A 57 15.82 18.28 26.72
CA HIS A 57 15.01 18.26 25.50
C HIS A 57 13.78 17.39 25.70
N SER A 58 12.73 17.69 24.94
CA SER A 58 11.48 16.96 25.03
C SER A 58 11.01 16.58 23.62
N ARG A 59 10.20 15.53 23.57
CA ARG A 59 9.59 15.08 22.34
C ARG A 59 8.10 15.45 22.27
N SER A 60 7.73 16.61 22.77
CA SER A 60 6.32 16.97 22.86
C SER A 60 5.75 17.36 21.50
N GLU A 61 6.58 17.84 20.59
CA GLU A 61 6.08 18.27 19.30
C GLU A 61 6.11 17.17 18.26
N SER A 62 6.61 15.99 18.61
CA SER A 62 6.49 14.83 17.74
C SER A 62 5.43 13.87 18.21
N THR A 63 4.72 14.20 19.29
CA THR A 63 3.57 13.41 19.68
C THR A 63 2.56 13.41 18.54
N ILE A 64 1.77 12.34 18.47
CA ILE A 64 0.83 12.18 17.37
C ILE A 64 -0.21 13.28 17.38
N GLU A 65 -0.69 13.63 18.58
CA GLU A 65 -1.57 14.78 18.72
C GLU A 65 -0.92 16.04 18.17
N ASN A 66 0.28 16.35 18.66
CA ASN A 66 0.92 17.58 18.23
C ASN A 66 1.37 17.53 16.78
N PHE A 67 1.58 16.35 16.22
CA PHE A 67 1.94 16.25 14.82
C PHE A 67 0.75 16.40 13.90
N LEU A 68 -0.43 15.96 14.31
CA LEU A 68 -1.61 15.98 13.45
C LEU A 68 -2.58 17.11 13.75
N SER A 69 -2.65 17.58 15.00
CA SER A 69 -3.64 18.59 15.38
C SER A 69 -3.23 19.96 14.85
N ARG A 70 -3.23 20.07 13.53
CA ARG A 70 -3.07 21.34 12.83
C ARG A 70 -4.16 21.43 11.78
N SER A 71 -4.79 22.59 11.64
CA SER A 71 -5.79 22.74 10.61
C SER A 71 -5.13 22.76 9.24
N ALA A 72 -5.68 22.00 8.32
CA ALA A 72 -5.09 21.79 7.00
C ALA A 72 -6.20 21.81 5.97
N CYS A 73 -5.96 22.46 4.85
CA CYS A 73 -6.98 22.54 3.81
C CYS A 73 -7.23 21.16 3.23
N VAL A 74 -8.50 20.77 3.16
CA VAL A 74 -8.88 19.53 2.53
C VAL A 74 -9.69 19.77 1.26
N TYR A 75 -10.35 20.91 1.12
CA TYR A 75 -11.14 21.17 -0.07
C TYR A 75 -11.15 22.66 -0.33
N MET A 76 -11.17 23.02 -1.61
CA MET A 76 -11.42 24.39 -2.03
C MET A 76 -12.46 24.34 -3.14
N GLY A 77 -13.60 24.94 -2.92
CA GLY A 77 -14.71 24.83 -3.87
C GLY A 77 -15.36 26.17 -4.18
N GLU A 78 -15.55 26.42 -5.46
CA GLU A 78 -16.19 27.64 -5.93
C GLU A 78 -17.67 27.42 -6.16
N TYR A 79 -18.45 28.48 -5.93
CA TYR A 79 -19.83 28.47 -6.38
C TYR A 79 -20.27 29.90 -6.61
N TYR A 80 -21.11 30.07 -7.61
CA TYR A 80 -21.55 31.39 -8.03
C TYR A 80 -22.75 31.83 -7.21
N THR A 81 -23.06 33.12 -7.33
CA THR A 81 -24.26 33.65 -6.72
C THR A 81 -25.35 33.89 -7.73
N THR A 82 -25.00 34.06 -9.00
CA THR A 82 -25.95 34.12 -10.10
C THR A 82 -25.31 33.50 -11.33
N ASN A 83 -26.07 32.70 -12.04
CA ASN A 83 -25.61 32.00 -13.23
C ASN A 83 -26.83 31.34 -13.86
N THR A 84 -26.82 31.26 -15.20
CA THR A 84 -27.93 30.61 -15.89
C THR A 84 -27.99 29.13 -15.54
N ASP A 85 -26.85 28.45 -15.54
CA ASP A 85 -26.76 27.11 -15.00
C ASP A 85 -26.99 27.14 -13.49
N GLU A 86 -27.82 26.22 -13.00
CA GLU A 86 -28.14 26.16 -11.59
C GLU A 86 -27.12 25.36 -10.77
N THR A 87 -26.57 24.28 -11.31
CA THR A 87 -25.58 23.52 -10.57
C THR A 87 -24.29 24.28 -10.33
N LYS A 88 -24.16 25.50 -10.87
CA LYS A 88 -23.01 26.32 -10.59
C LYS A 88 -23.21 27.23 -9.38
N ARG A 89 -24.45 27.47 -8.99
CA ARG A 89 -24.72 28.37 -7.87
C ARG A 89 -24.51 27.71 -6.52
N PHE A 90 -24.29 26.41 -6.47
CA PHE A 90 -23.96 25.73 -5.23
C PHE A 90 -22.79 24.79 -5.47
N ALA A 91 -22.16 24.39 -4.37
CA ALA A 91 -21.00 23.51 -4.40
C ALA A 91 -21.31 22.22 -3.65
N SER A 92 -20.82 21.12 -4.19
CA SER A 92 -20.84 19.82 -3.53
C SER A 92 -19.43 19.40 -3.20
N TRP A 93 -19.31 18.48 -2.25
CA TRP A 93 -18.00 17.89 -1.95
C TRP A 93 -18.22 16.57 -1.25
N THR A 94 -17.64 15.50 -1.79
CA THR A 94 -17.64 14.22 -1.09
C THR A 94 -16.50 14.19 -0.10
N ILE A 95 -16.82 14.05 1.19
CA ILE A 95 -15.85 14.30 2.24
C ILE A 95 -14.76 13.24 2.19
N ASN A 96 -13.52 13.69 2.02
CA ASN A 96 -12.33 12.85 2.04
C ASN A 96 -11.13 13.77 2.09
N ALA A 97 -10.08 13.34 2.77
CA ALA A 97 -8.88 14.13 2.96
C ALA A 97 -7.81 13.77 1.96
N ARG A 98 -8.20 13.50 0.72
CA ARG A 98 -7.31 12.91 -0.26
C ARG A 98 -7.04 13.79 -1.47
N ARG A 99 -7.58 15.01 -1.51
CA ARG A 99 -7.45 15.86 -2.68
C ARG A 99 -6.45 16.98 -2.51
N MET A 100 -6.21 17.44 -1.28
CA MET A 100 -5.08 18.30 -0.98
C MET A 100 -3.94 17.43 -0.47
N VAL A 101 -2.76 17.64 -1.01
CA VAL A 101 -1.72 16.61 -0.99
C VAL A 101 -1.00 16.57 0.36
N GLN A 102 -0.87 17.71 1.04
CA GLN A 102 -0.06 17.77 2.26
C GLN A 102 -0.71 17.02 3.41
N MET A 103 -1.97 17.32 3.67
CA MET A 103 -2.67 16.64 4.75
C MET A 103 -2.86 15.15 4.43
N ARG A 104 -3.06 14.83 3.16
CA ARG A 104 -3.16 13.43 2.76
C ARG A 104 -1.86 12.70 3.07
N ARG A 105 -0.73 13.28 2.71
CA ARG A 105 0.55 12.64 2.99
C ARG A 105 0.80 12.53 4.49
N LYS A 106 0.38 13.52 5.26
CA LYS A 106 0.53 13.45 6.70
C LYS A 106 -0.28 12.31 7.29
N LEU A 107 -1.52 12.16 6.84
CA LEU A 107 -2.39 11.13 7.40
C LEU A 107 -1.96 9.74 6.96
N GLU A 108 -1.49 9.60 5.74
CA GLU A 108 -1.10 8.29 5.23
C GLU A 108 0.24 7.82 5.77
N MET A 109 0.80 8.49 6.76
CA MET A 109 1.94 7.97 7.49
C MET A 109 1.55 6.92 8.50
N PHE A 110 0.25 6.64 8.62
CA PHE A 110 -0.26 5.62 9.51
C PHE A 110 -1.30 4.82 8.75
N THR A 111 -1.46 3.56 9.13
CA THR A 111 -2.45 2.74 8.46
C THR A 111 -3.84 3.02 9.01
N TYR A 112 -3.96 3.15 10.32
CA TYR A 112 -5.27 3.40 10.92
C TYR A 112 -5.18 4.61 11.83
N VAL A 113 -6.22 5.45 11.77
CA VAL A 113 -6.30 6.64 12.61
C VAL A 113 -7.72 6.75 13.14
N ARG A 114 -7.83 7.23 14.37
CA ARG A 114 -9.13 7.47 14.98
C ARG A 114 -9.06 8.79 15.72
N PHE A 115 -9.90 9.74 15.33
CA PHE A 115 -9.85 11.07 15.92
C PHE A 115 -11.18 11.79 15.68
N ASP A 116 -11.41 12.83 16.47
CA ASP A 116 -12.44 13.80 16.17
C ASP A 116 -11.85 14.90 15.29
N VAL A 117 -12.71 15.59 14.57
CA VAL A 117 -12.26 16.66 13.70
C VAL A 117 -12.82 17.99 14.19
N GLU A 118 -12.08 19.05 13.92
CA GLU A 118 -12.58 20.41 14.03
C GLU A 118 -12.60 20.96 12.62
N VAL A 119 -13.79 21.20 12.09
CA VAL A 119 -13.97 21.69 10.73
C VAL A 119 -14.14 23.19 10.80
N THR A 120 -13.22 23.92 10.20
CA THR A 120 -13.35 25.35 10.00
C THR A 120 -13.55 25.63 8.52
N PHE A 121 -14.37 26.62 8.22
CA PHE A 121 -14.59 27.04 6.86
C PHE A 121 -14.03 28.44 6.68
N VAL A 122 -13.40 28.69 5.56
CA VAL A 122 -12.94 30.01 5.21
C VAL A 122 -13.64 30.35 3.90
N ILE A 123 -14.70 31.14 3.99
CA ILE A 123 -15.49 31.50 2.83
C ILE A 123 -15.13 32.92 2.43
N THR A 124 -14.93 33.13 1.14
CA THR A 124 -14.42 34.39 0.62
C THR A 124 -15.10 34.68 -0.70
N SER A 125 -15.79 35.79 -0.78
CA SER A 125 -16.45 36.18 -2.01
C SER A 125 -15.60 37.18 -2.77
N LYS A 126 -15.85 37.25 -4.07
CA LYS A 126 -15.26 38.26 -4.93
C LYS A 126 -16.27 38.63 -5.98
N GLN A 127 -16.18 39.86 -6.46
CA GLN A 127 -17.02 40.33 -7.54
C GLN A 127 -16.35 39.98 -8.86
N ASP A 128 -17.08 39.28 -9.72
CA ASP A 128 -16.56 38.91 -11.02
C ASP A 128 -16.34 40.15 -11.88
N GLN A 129 -15.44 40.03 -12.85
CA GLN A 129 -15.14 41.15 -13.71
C GLN A 129 -16.23 41.31 -14.77
N GLY A 130 -16.54 42.55 -15.11
CA GLY A 130 -17.58 42.82 -16.09
C GLY A 130 -17.57 44.28 -16.45
N THR A 131 -18.51 44.65 -17.33
CA THR A 131 -18.60 46.03 -17.76
C THR A 131 -19.06 46.93 -16.63
N GLN A 132 -20.11 46.53 -15.92
CA GLN A 132 -20.58 47.27 -14.76
C GLN A 132 -20.23 46.52 -13.50
N LEU A 133 -19.66 47.22 -12.53
CA LEU A 133 -19.35 46.66 -11.24
C LEU A 133 -19.99 47.42 -10.08
N GLY A 134 -20.66 48.54 -10.36
CA GLY A 134 -21.33 49.27 -9.31
C GLY A 134 -22.60 48.56 -8.89
N GLN A 135 -22.74 48.34 -7.58
CA GLN A 135 -23.95 47.79 -6.99
C GLN A 135 -23.79 47.92 -5.48
N ASP A 136 -24.87 47.63 -4.75
CA ASP A 136 -24.89 47.70 -3.29
C ASP A 136 -25.55 46.43 -2.77
N MET A 137 -24.77 45.40 -2.60
CA MET A 137 -25.30 44.12 -2.15
C MET A 137 -25.12 43.99 -0.65
N PRO A 138 -26.15 43.57 0.08
CA PRO A 138 -26.00 43.32 1.51
C PRO A 138 -25.06 42.16 1.77
N PRO A 139 -24.65 41.93 3.02
CA PRO A 139 -23.68 40.86 3.29
C PRO A 139 -24.17 39.50 2.84
N LEU A 140 -23.25 38.71 2.29
CA LEU A 140 -23.58 37.39 1.78
C LEU A 140 -23.63 36.38 2.92
N THR A 141 -24.77 35.73 3.08
CA THR A 141 -24.90 34.63 4.01
C THR A 141 -24.77 33.33 3.24
N HIS A 142 -24.15 32.35 3.88
CA HIS A 142 -23.87 31.05 3.28
C HIS A 142 -24.47 29.97 4.16
N GLN A 143 -24.99 28.94 3.51
CA GLN A 143 -25.43 27.73 4.18
C GLN A 143 -24.53 26.59 3.74
N ILE A 144 -23.94 25.92 4.73
CA ILE A 144 -23.20 24.69 4.52
C ILE A 144 -23.99 23.57 5.19
N MET A 145 -24.54 22.69 4.37
CA MET A 145 -25.30 21.54 4.83
C MET A 145 -24.42 20.30 4.78
N TYR A 146 -24.44 19.52 5.86
CA TYR A 146 -23.78 18.22 5.89
C TYR A 146 -24.83 17.15 5.64
N ILE A 147 -24.75 16.48 4.51
CA ILE A 147 -25.69 15.42 4.15
C ILE A 147 -25.01 14.07 4.41
N PRO A 148 -25.39 13.34 5.44
CA PRO A 148 -24.85 12.00 5.62
C PRO A 148 -25.34 11.07 4.54
N PRO A 149 -24.66 9.96 4.30
CA PRO A 149 -25.01 9.10 3.16
C PRO A 149 -26.45 8.61 3.22
N GLY A 150 -27.19 8.86 2.14
CA GLY A 150 -28.56 8.43 2.03
C GLY A 150 -29.57 9.56 2.05
N GLY A 151 -29.23 10.69 2.64
CA GLY A 151 -30.12 11.83 2.66
C GLY A 151 -30.32 12.42 1.29
N PRO A 152 -31.33 13.27 1.14
CA PRO A 152 -31.63 13.82 -0.19
C PRO A 152 -30.62 14.88 -0.61
N ILE A 153 -30.19 14.76 -1.85
CA ILE A 153 -29.23 15.69 -2.45
C ILE A 153 -29.99 16.85 -3.06
N PRO A 154 -29.55 18.09 -2.87
CA PRO A 154 -30.23 19.22 -3.50
C PRO A 154 -29.98 19.25 -5.00
N LYS A 155 -30.96 19.79 -5.72
CA LYS A 155 -30.82 19.97 -7.16
C LYS A 155 -30.67 21.42 -7.57
N SER A 156 -31.11 22.36 -6.72
CA SER A 156 -30.97 23.77 -7.01
C SER A 156 -30.57 24.48 -5.74
N THR A 157 -30.59 25.80 -5.76
CA THR A 157 -30.39 26.57 -4.55
C THR A 157 -31.69 26.79 -3.80
N THR A 158 -32.82 26.43 -4.41
CA THR A 158 -34.14 26.58 -3.81
C THR A 158 -34.78 25.25 -3.49
N ASP A 159 -33.99 24.19 -3.36
CA ASP A 159 -34.50 22.84 -3.17
C ASP A 159 -35.06 22.68 -1.76
N TYR A 160 -35.98 21.72 -1.62
CA TYR A 160 -36.50 21.41 -0.29
C TYR A 160 -35.44 20.78 0.60
N ALA A 161 -34.39 20.21 0.02
CA ALA A 161 -33.36 19.56 0.81
C ALA A 161 -32.65 20.55 1.72
N TRP A 162 -32.57 21.82 1.30
CA TRP A 162 -32.00 22.87 2.11
C TRP A 162 -32.86 23.21 3.33
N GLN A 163 -33.99 22.53 3.55
CA GLN A 163 -34.78 22.75 4.75
C GLN A 163 -34.05 22.28 6.00
N THR A 164 -33.05 21.40 5.85
CA THR A 164 -32.15 20.92 6.91
C THR A 164 -32.87 20.67 8.23
N SER A 165 -33.98 19.93 8.17
CA SER A 165 -34.68 19.59 9.40
C SER A 165 -33.86 18.67 10.28
N THR A 166 -33.07 17.79 9.70
CA THR A 166 -32.28 16.87 10.51
C THR A 166 -30.80 16.92 10.17
N ASN A 167 -30.44 17.10 8.91
CA ASN A 167 -29.04 17.29 8.55
C ASN A 167 -28.49 18.50 9.29
N PRO A 168 -27.25 18.41 9.79
CA PRO A 168 -26.65 19.58 10.43
C PRO A 168 -26.24 20.61 9.40
N SER A 169 -26.56 21.87 9.68
CA SER A 169 -26.25 22.96 8.76
C SER A 169 -25.66 24.11 9.55
N ILE A 170 -24.79 24.87 8.89
CA ILE A 170 -24.24 26.10 9.44
C ILE A 170 -24.63 27.25 8.52
N PHE A 171 -25.26 28.26 9.10
CA PHE A 171 -25.50 29.53 8.44
C PHE A 171 -24.49 30.55 8.96
N TRP A 172 -23.81 31.22 8.04
CA TRP A 172 -22.77 32.16 8.43
C TRP A 172 -22.77 33.33 7.46
N THR A 173 -22.79 34.56 7.97
CA THR A 173 -22.79 35.72 7.12
C THR A 173 -21.40 36.34 7.06
N GLU A 174 -21.05 36.88 5.90
CA GLU A 174 -19.70 37.32 5.65
C GLU A 174 -19.34 38.53 6.49
N GLY A 175 -18.09 38.58 6.92
CA GLY A 175 -17.60 39.59 7.82
C GLY A 175 -17.33 39.09 9.22
N ASN A 176 -17.75 37.87 9.53
CA ASN A 176 -17.63 37.32 10.86
C ASN A 176 -16.45 36.36 10.92
N ALA A 177 -16.20 35.84 12.11
CA ALA A 177 -15.19 34.82 12.27
C ALA A 177 -15.52 33.63 11.39
N PRO A 178 -14.52 32.86 10.98
CA PRO A 178 -14.79 31.65 10.21
C PRO A 178 -15.68 30.69 10.97
N PRO A 179 -16.57 29.98 10.28
CA PRO A 179 -17.40 28.99 10.97
C PRO A 179 -16.57 27.77 11.36
N ARG A 180 -16.83 27.26 12.56
CA ARG A 180 -16.08 26.11 13.04
C ARG A 180 -16.96 25.25 13.92
N MET A 181 -16.97 23.95 13.67
CA MET A 181 -17.71 23.02 14.51
C MET A 181 -16.93 21.72 14.65
N SER A 182 -17.25 20.98 15.71
CA SER A 182 -16.59 19.72 16.00
C SER A 182 -17.37 18.55 15.42
N ILE A 183 -16.64 17.47 15.11
CA ILE A 183 -17.21 16.24 14.57
C ILE A 183 -16.62 15.08 15.36
N PRO A 184 -17.44 14.21 15.94
CA PRO A 184 -16.89 13.06 16.64
C PRO A 184 -16.26 12.07 15.67
N PHE A 185 -15.75 10.95 16.18
CA PHE A 185 -15.23 9.91 15.30
C PHE A 185 -16.41 9.12 14.74
N VAL A 186 -16.66 9.24 13.44
CA VAL A 186 -17.93 8.80 12.88
C VAL A 186 -17.74 7.65 11.90
N SER A 187 -16.76 6.81 12.14
CA SER A 187 -16.60 5.64 11.30
C SER A 187 -17.50 4.51 11.77
N ILE A 188 -17.86 3.62 10.85
CA ILE A 188 -18.61 2.43 11.22
C ILE A 188 -17.68 1.34 11.74
N GLY A 189 -16.39 1.40 11.42
CA GLY A 189 -15.40 0.53 12.02
C GLY A 189 -14.74 1.17 13.23
N ASN A 190 -13.76 0.47 13.77
CA ASN A 190 -13.10 0.92 15.00
C ASN A 190 -12.03 1.96 14.75
N ALA A 191 -11.75 2.30 13.51
CA ALA A 191 -10.79 3.32 13.14
C ALA A 191 -10.98 3.63 11.68
N TYR A 192 -10.54 4.82 11.27
CA TYR A 192 -10.47 5.13 9.85
C TYR A 192 -9.34 4.35 9.21
N SER A 193 -9.51 4.05 7.92
CA SER A 193 -8.49 3.34 7.14
C SER A 193 -7.98 4.27 6.05
N ASN A 194 -6.70 4.63 6.14
CA ASN A 194 -6.08 5.37 5.04
C ASN A 194 -5.89 4.47 3.84
N PHE A 195 -5.73 3.17 4.06
CA PHE A 195 -5.48 2.19 3.03
C PHE A 195 -6.40 1.01 3.22
N TYR A 196 -7.00 0.56 2.12
CA TYR A 196 -7.83 -0.64 2.13
C TYR A 196 -7.33 -1.55 1.01
N ASP A 197 -6.46 -2.48 1.36
CA ASP A 197 -6.03 -3.50 0.39
C ASP A 197 -7.15 -4.51 0.28
N GLY A 198 -8.01 -4.30 -0.72
CA GLY A 198 -9.15 -5.15 -0.87
C GLY A 198 -10.17 -4.53 -1.79
N TRP A 199 -11.31 -5.20 -1.88
CA TRP A 199 -12.34 -4.89 -2.86
C TRP A 199 -13.65 -4.61 -2.16
N SER A 200 -14.60 -4.09 -2.93
CA SER A 200 -15.94 -3.88 -2.43
C SER A 200 -16.78 -5.13 -2.55
N HIS A 201 -16.56 -5.90 -3.60
CA HIS A 201 -17.33 -7.10 -3.87
C HIS A 201 -16.56 -8.35 -3.45
N PHE A 202 -17.30 -9.34 -2.96
CA PHE A 202 -16.67 -10.57 -2.51
C PHE A 202 -16.10 -11.37 -3.67
N SER A 203 -16.54 -11.11 -4.89
CA SER A 203 -15.97 -11.67 -6.09
C SER A 203 -14.61 -11.09 -6.41
N GLN A 204 -14.05 -10.30 -5.50
CA GLN A 204 -12.71 -9.73 -5.62
C GLN A 204 -12.61 -8.82 -6.84
N ASN A 205 -13.63 -8.02 -7.05
CA ASN A 205 -13.65 -7.03 -8.11
C ASN A 205 -14.49 -5.85 -7.64
N GLY A 206 -14.89 -5.01 -8.57
CA GLY A 206 -15.59 -3.79 -8.23
C GLY A 206 -14.62 -2.66 -7.98
N VAL A 207 -14.77 -2.00 -6.88
CA VAL A 207 -13.88 -0.91 -6.50
C VAL A 207 -12.76 -1.48 -5.65
N TYR A 208 -11.54 -1.04 -5.92
CA TYR A 208 -10.38 -1.42 -5.13
C TYR A 208 -9.95 -0.23 -4.29
N GLY A 209 -9.82 -0.45 -2.99
CA GLY A 209 -9.12 0.51 -2.17
C GLY A 209 -9.94 1.35 -1.22
N TYR A 210 -9.56 2.62 -1.11
CA TYR A 210 -10.03 3.49 -0.04
C TYR A 210 -11.52 3.80 -0.17
N ASN A 211 -12.06 3.76 -1.38
CA ASN A 211 -13.40 4.27 -1.58
C ASN A 211 -14.47 3.32 -1.07
N THR A 212 -14.17 2.03 -0.87
CA THR A 212 -15.20 1.11 -0.40
C THR A 212 -15.55 1.38 1.07
N LEU A 213 -14.55 1.65 1.89
CA LEU A 213 -14.78 1.95 3.29
C LEU A 213 -15.09 3.40 3.57
N ASN A 214 -14.99 4.27 2.57
CA ASN A 214 -15.06 5.72 2.78
C ASN A 214 -16.42 6.22 2.34
N ASN A 215 -17.30 6.44 3.32
CA ASN A 215 -18.58 7.08 3.03
C ASN A 215 -18.96 7.88 4.28
N MET A 216 -18.52 9.13 4.30
CA MET A 216 -18.87 10.03 5.39
C MET A 216 -19.95 11.02 4.98
N GLY A 217 -20.38 10.99 3.74
CA GLY A 217 -21.39 11.90 3.27
C GLY A 217 -20.80 12.97 2.37
N GLN A 218 -21.55 14.05 2.23
CA GLN A 218 -21.12 15.17 1.41
C GLN A 218 -21.46 16.48 2.10
N LEU A 219 -20.83 17.53 1.58
CA LEU A 219 -21.08 18.90 2.00
C LEU A 219 -21.66 19.66 0.82
N TYR A 220 -22.72 20.41 1.08
CA TYR A 220 -23.31 21.28 0.08
C TYR A 220 -23.25 22.71 0.59
N MET A 221 -22.94 23.64 -0.30
CA MET A 221 -22.81 25.03 0.09
C MET A 221 -23.57 25.90 -0.90
N ARG A 222 -24.27 26.91 -0.37
CA ARG A 222 -24.99 27.84 -1.20
C ARG A 222 -25.00 29.22 -0.55
N HIS A 223 -25.35 30.22 -1.34
CA HIS A 223 -25.74 31.52 -0.82
C HIS A 223 -27.22 31.50 -0.49
N VAL A 224 -27.58 32.24 0.56
CA VAL A 224 -28.97 32.36 0.96
C VAL A 224 -29.62 33.65 0.46
N ASN A 225 -28.83 34.66 0.10
CA ASN A 225 -29.41 35.93 -0.33
C ASN A 225 -30.12 35.80 -1.67
N GLY A 226 -29.86 34.74 -2.41
CA GLY A 226 -30.37 34.63 -3.76
C GLY A 226 -29.40 35.25 -4.73
N PRO A 227 -29.82 35.44 -5.97
CA PRO A 227 -28.89 35.93 -6.99
C PRO A 227 -28.60 37.41 -6.83
N SER A 228 -27.36 37.78 -7.07
CA SER A 228 -26.96 39.16 -7.08
C SER A 228 -27.29 39.80 -8.42
N PRO A 229 -27.46 41.11 -8.47
CA PRO A 229 -27.63 41.78 -9.77
C PRO A 229 -26.44 41.56 -10.70
N LEU A 230 -25.23 41.48 -10.16
CA LEU A 230 -24.01 41.23 -10.91
C LEU A 230 -23.33 39.98 -10.37
N PRO A 231 -22.64 39.22 -11.23
CA PRO A 231 -22.08 37.94 -10.80
C PRO A 231 -21.02 38.07 -9.71
N MET A 232 -21.08 37.17 -8.75
CA MET A 232 -20.10 37.08 -7.68
C MET A 232 -19.77 35.62 -7.45
N THR A 233 -18.56 35.35 -6.99
CA THR A 233 -18.10 34.00 -6.73
C THR A 233 -17.71 33.87 -5.27
N SER A 234 -18.19 32.84 -4.59
CA SER A 234 -17.71 32.50 -3.27
C SER A 234 -16.86 31.26 -3.35
N ILE A 235 -15.67 31.31 -2.75
CA ILE A 235 -14.82 30.14 -2.59
C ILE A 235 -14.87 29.74 -1.14
N VAL A 236 -15.20 28.48 -0.88
CA VAL A 236 -15.21 27.93 0.47
C VAL A 236 -14.03 26.97 0.59
N ARG A 237 -13.16 27.24 1.56
CA ARG A 237 -12.04 26.37 1.89
C ARG A 237 -12.38 25.63 3.18
N VAL A 238 -12.12 24.32 3.20
CA VAL A 238 -12.45 23.47 4.32
C VAL A 238 -11.16 23.06 5.01
N TYR A 239 -11.09 23.28 6.32
CA TYR A 239 -9.91 22.98 7.12
C TYR A 239 -10.28 21.97 8.18
N PHE A 240 -9.56 20.85 8.19
CA PHE A 240 -9.72 19.82 9.20
C PHE A 240 -8.59 19.95 10.20
N LYS A 241 -8.92 19.92 11.48
CA LYS A 241 -7.91 19.76 12.53
C LYS A 241 -8.28 18.53 13.35
N PRO A 242 -7.58 17.41 13.19
CA PRO A 242 -7.88 16.26 14.03
C PRO A 242 -7.43 16.49 15.46
N LYS A 243 -8.21 15.96 16.40
CA LYS A 243 -7.89 16.04 17.81
C LYS A 243 -8.32 14.74 18.47
N HIS A 244 -7.74 14.47 19.63
CA HIS A 244 -7.92 13.21 20.34
C HIS A 244 -7.49 12.05 19.45
N VAL A 245 -6.31 12.20 18.85
CA VAL A 245 -5.83 11.34 17.78
C VAL A 245 -5.24 10.06 18.36
N LYS A 246 -5.50 8.95 17.67
CA LYS A 246 -4.80 7.70 17.92
C LYS A 246 -4.43 7.11 16.57
N ALA A 247 -3.24 6.55 16.48
CA ALA A 247 -2.70 6.08 15.21
C ALA A 247 -2.08 4.71 15.39
N TRP A 248 -2.22 3.87 14.37
CA TRP A 248 -1.72 2.51 14.39
C TRP A 248 -1.04 2.18 13.07
N VAL A 249 0.01 1.38 13.17
CA VAL A 249 0.75 0.77 12.07
C VAL A 249 1.35 1.83 11.15
N PRO A 250 2.41 2.51 11.59
CA PRO A 250 3.03 3.53 10.75
C PRO A 250 3.59 2.94 9.47
N ARG A 251 3.59 3.76 8.43
CA ARG A 251 3.99 3.39 7.10
C ARG A 251 5.13 4.27 6.61
N PRO A 252 5.92 3.82 5.64
CA PRO A 252 6.94 4.68 5.08
C PRO A 252 6.31 5.84 4.35
N PRO A 253 6.80 7.05 4.58
CA PRO A 253 6.20 8.23 3.96
C PRO A 253 6.15 8.11 2.45
N ARG A 254 5.03 8.53 1.89
CA ARG A 254 4.83 8.54 0.46
C ARG A 254 5.99 9.23 -0.24
N LEU A 255 6.69 8.48 -1.10
CA LEU A 255 7.80 9.04 -1.84
C LEU A 255 7.36 9.62 -3.18
N CYS A 256 6.42 8.95 -3.84
CA CYS A 256 6.01 9.36 -5.17
C CYS A 256 4.93 10.43 -5.08
N GLN A 257 4.71 11.10 -6.21
CA GLN A 257 3.69 12.14 -6.25
C GLN A 257 2.31 11.51 -6.42
N TYR A 258 1.35 12.03 -5.66
CA TYR A 258 -0.01 11.55 -5.80
C TYR A 258 -0.56 11.93 -7.17
N LYS A 259 -1.38 11.06 -7.73
CA LYS A 259 -1.94 11.24 -9.07
C LYS A 259 -3.41 11.58 -9.05
N ASN A 260 -4.19 10.90 -8.23
CA ASN A 260 -5.60 11.15 -8.08
C ASN A 260 -5.99 10.80 -6.66
N ALA A 261 -7.27 10.97 -6.35
CA ALA A 261 -7.75 10.72 -5.00
C ALA A 261 -8.40 9.35 -4.85
N SER A 262 -8.78 8.72 -5.95
CA SER A 262 -9.45 7.43 -5.92
C SER A 262 -8.50 6.29 -5.60
N THR A 263 -7.20 6.45 -5.85
CA THR A 263 -6.28 5.33 -5.89
C THR A 263 -5.00 5.72 -5.16
N VAL A 264 -4.00 4.84 -5.23
CA VAL A 264 -2.64 5.17 -4.83
C VAL A 264 -1.71 5.17 -6.03
N ASN A 265 -2.26 5.30 -7.23
CA ASN A 265 -1.47 5.23 -8.45
C ASN A 265 -0.35 6.27 -8.43
N PHE A 266 0.78 5.91 -9.01
CA PHE A 266 1.96 6.75 -8.99
C PHE A 266 2.82 6.44 -10.21
N SER A 267 3.59 7.44 -10.62
CA SER A 267 4.69 7.24 -11.55
C SER A 267 5.92 6.80 -10.77
N SER A 268 6.75 5.98 -11.40
CA SER A 268 7.91 5.43 -10.72
C SER A 268 8.90 6.55 -10.41
N THR A 269 9.33 6.59 -9.15
CA THR A 269 10.11 7.69 -8.59
C THR A 269 11.49 7.20 -8.19
N ASN A 270 12.51 8.01 -8.49
CA ASN A 270 13.85 7.74 -8.00
C ASN A 270 13.87 7.64 -6.48
N ILE A 271 14.79 6.83 -5.96
CA ILE A 271 14.89 6.65 -4.50
C ILE A 271 15.33 7.94 -3.84
N THR A 272 16.25 8.67 -4.44
CA THR A 272 16.72 9.95 -3.94
C THR A 272 17.38 10.70 -5.08
N ASP A 273 18.11 11.77 -4.75
CA ASP A 273 18.78 12.61 -5.72
C ASP A 273 20.25 12.23 -5.86
N LYS A 274 20.78 12.46 -7.04
CA LYS A 274 22.13 12.02 -7.36
C LYS A 274 23.18 12.99 -6.82
N ARG A 275 24.36 12.44 -6.55
CA ARG A 275 25.53 13.26 -6.29
C ARG A 275 26.67 12.85 -7.21
N ASP A 276 27.85 13.43 -7.01
CA ASP A 276 28.91 13.28 -8.00
C ASP A 276 29.56 11.90 -7.92
N SER A 277 29.83 11.41 -6.71
CA SER A 277 30.40 10.08 -6.53
C SER A 277 30.01 9.57 -5.15
N ILE A 278 30.44 8.35 -4.84
CA ILE A 278 30.09 7.74 -3.56
C ILE A 278 30.87 8.34 -2.39
N THR A 279 31.98 9.00 -2.66
CA THR A 279 32.81 9.60 -1.63
C THR A 279 32.70 11.11 -1.61
N HIS A 280 31.74 11.67 -2.34
CA HIS A 280 31.69 13.09 -2.62
C HIS A 280 31.24 13.85 -1.39
N VAL A 281 32.16 14.58 -0.76
CA VAL A 281 31.84 15.55 0.28
C VAL A 281 32.50 16.85 -0.09
N PRO A 282 31.74 17.87 -0.48
CA PRO A 282 32.36 19.10 -1.00
C PRO A 282 33.08 19.89 0.07
N ASP A 283 34.22 20.46 -0.31
CA ASP A 283 35.00 21.27 0.62
C ASP A 283 34.22 22.52 1.02
N THR A 284 34.16 22.77 2.32
CA THR A 284 33.59 24.01 2.83
C THR A 284 34.61 24.93 3.48
N VAL A 285 35.79 24.41 3.83
CA VAL A 285 36.88 25.24 4.30
C VAL A 285 37.80 25.48 3.11
N LYS A 286 37.68 26.65 2.49
CA LYS A 286 38.60 27.05 1.44
C LYS A 286 38.59 28.57 1.37
N PRO A 287 39.68 29.19 0.93
CA PRO A 287 39.72 30.64 0.78
C PRO A 287 38.83 31.14 -0.35
N SER B 10 23.02 -23.01 21.98
CA SER B 10 22.96 -21.79 21.17
C SER B 10 21.53 -21.41 20.86
N ASP B 11 21.31 -20.14 20.58
CA ASP B 11 20.00 -19.66 20.18
C ASP B 11 19.83 -19.62 18.67
N ARG B 12 20.73 -20.24 17.91
CA ARG B 12 20.54 -20.37 16.48
C ARG B 12 19.59 -21.49 16.12
N VAL B 13 19.32 -22.39 17.03
CA VAL B 13 18.36 -23.47 16.81
C VAL B 13 17.00 -23.00 17.30
N ARG B 14 15.97 -23.31 16.51
CA ARG B 14 14.60 -22.96 16.89
C ARG B 14 13.65 -23.95 16.27
N SER B 15 12.74 -24.49 17.09
CA SER B 15 11.67 -25.34 16.62
C SER B 15 10.35 -24.64 16.84
N ILE B 16 9.47 -24.74 15.85
CA ILE B 16 8.11 -24.20 15.93
C ILE B 16 7.15 -25.32 15.59
N THR B 17 6.27 -25.65 16.53
CA THR B 17 5.31 -26.73 16.37
C THR B 17 3.91 -26.17 16.44
N LEU B 18 3.18 -26.26 15.33
CA LEU B 18 1.76 -25.93 15.32
C LEU B 18 1.00 -27.06 14.66
N GLY B 19 -0.06 -27.51 15.30
CA GLY B 19 -0.83 -28.62 14.76
C GLY B 19 0.00 -29.88 14.63
N ASN B 20 -0.13 -30.53 13.49
CA ASN B 20 0.70 -31.69 13.17
C ASN B 20 1.95 -31.31 12.39
N SER B 21 2.38 -30.06 12.47
CA SER B 21 3.50 -29.60 11.68
C SER B 21 4.57 -29.02 12.58
N THR B 22 5.82 -29.30 12.23
CA THR B 22 6.99 -28.80 12.94
C THR B 22 7.96 -28.23 11.92
N ILE B 23 8.60 -27.12 12.29
CA ILE B 23 9.71 -26.57 11.53
C ILE B 23 10.89 -26.45 12.47
N THR B 24 12.00 -27.07 12.11
CA THR B 24 13.26 -26.83 12.78
C THR B 24 14.11 -25.91 11.91
N THR B 25 14.90 -25.08 12.56
CA THR B 25 15.92 -24.31 11.87
C THR B 25 17.16 -24.27 12.75
N GLN B 26 18.32 -24.36 12.12
CA GLN B 26 19.58 -24.40 12.83
C GLN B 26 20.37 -23.12 12.67
N GLU B 27 19.85 -22.16 11.91
CA GLU B 27 20.45 -20.85 11.71
C GLU B 27 19.39 -19.78 11.86
N CYS B 28 18.64 -19.86 12.95
CA CYS B 28 17.64 -18.85 13.26
C CYS B 28 18.32 -17.54 13.63
N ALA B 29 17.83 -16.45 13.06
CA ALA B 29 18.24 -15.15 13.56
C ALA B 29 17.60 -14.89 14.91
N ASN B 30 16.30 -14.76 14.91
CA ASN B 30 15.44 -14.64 16.08
C ASN B 30 14.02 -14.86 15.57
N VAL B 31 13.05 -14.49 16.37
CA VAL B 31 11.66 -14.45 15.92
C VAL B 31 11.17 -13.03 16.14
N VAL B 32 10.65 -12.43 15.08
CA VAL B 32 10.02 -11.12 15.17
C VAL B 32 8.55 -11.33 15.50
N VAL B 33 8.13 -10.85 16.66
CA VAL B 33 6.72 -10.76 17.00
C VAL B 33 6.28 -9.35 16.66
N ALA B 34 5.37 -9.24 15.68
CA ALA B 34 5.22 -8.06 14.84
C ALA B 34 5.32 -6.73 15.58
N TYR B 35 4.40 -6.48 16.50
CA TYR B 35 4.43 -5.24 17.26
C TYR B 35 4.52 -5.54 18.73
N GLY B 36 5.27 -6.59 19.05
CA GLY B 36 5.30 -7.14 20.38
C GLY B 36 4.03 -7.85 20.78
N ARG B 37 3.13 -8.11 19.84
CA ARG B 37 1.87 -8.74 20.17
C ARG B 37 1.73 -10.07 19.45
N TRP B 38 1.34 -11.03 20.16
CA TRP B 38 1.04 -12.39 19.80
C TRP B 38 -0.40 -12.51 19.34
N PRO B 39 -0.67 -13.37 18.38
CA PRO B 39 -2.07 -13.62 17.99
C PRO B 39 -2.90 -14.07 19.17
N GLU B 40 -4.13 -13.56 19.23
CA GLU B 40 -5.05 -13.89 20.30
C GLU B 40 -6.43 -14.10 19.70
N TYR B 41 -7.23 -14.89 20.39
CA TYR B 41 -8.63 -15.01 20.00
C TYR B 41 -9.38 -13.74 20.36
N LEU B 42 -10.52 -13.55 19.73
CA LEU B 42 -11.32 -12.37 20.00
C LEU B 42 -12.08 -12.53 21.30
N SER B 43 -12.13 -11.46 22.10
CA SER B 43 -12.78 -11.49 23.38
C SER B 43 -14.23 -11.02 23.26
N ASP B 44 -14.93 -10.97 24.39
CA ASP B 44 -16.31 -10.52 24.39
C ASP B 44 -16.41 -9.00 24.38
N LYS B 45 -15.49 -8.33 25.10
CA LYS B 45 -15.47 -6.88 25.12
C LYS B 45 -15.12 -6.26 23.78
N GLU B 46 -14.66 -7.06 22.82
CA GLU B 46 -14.25 -6.53 21.53
C GLU B 46 -15.00 -7.10 20.35
N ALA B 47 -15.81 -8.14 20.54
CA ALA B 47 -16.53 -8.77 19.47
C ALA B 47 -17.70 -7.89 19.01
N THR B 48 -18.18 -8.17 17.80
CA THR B 48 -19.41 -7.52 17.35
C THR B 48 -20.38 -8.52 16.75
N ALA B 49 -19.87 -9.60 16.14
CA ALA B 49 -20.74 -10.61 15.55
C ALA B 49 -21.22 -11.59 16.61
N GLU B 50 -22.50 -11.93 16.54
CA GLU B 50 -23.22 -12.49 17.68
C GLU B 50 -23.22 -14.00 17.75
N ASP B 51 -23.13 -14.70 16.63
CA ASP B 51 -23.19 -16.15 16.66
C ASP B 51 -21.90 -16.75 17.20
N GLN B 52 -21.97 -18.02 17.55
CA GLN B 52 -20.84 -18.71 18.14
C GLN B 52 -19.77 -18.99 17.08
N PRO B 53 -18.52 -18.66 17.35
CA PRO B 53 -17.47 -18.85 16.35
C PRO B 53 -17.04 -20.31 16.25
N THR B 54 -16.33 -20.61 15.18
CA THR B 54 -15.66 -21.87 14.98
C THR B 54 -14.19 -21.71 15.29
N GLN B 55 -13.62 -22.67 16.00
CA GLN B 55 -12.20 -22.64 16.36
C GLN B 55 -11.63 -24.01 16.11
N PRO B 56 -11.28 -24.32 14.85
CA PRO B 56 -10.73 -25.66 14.57
C PRO B 56 -9.40 -25.91 15.27
N ASP B 57 -8.46 -24.99 15.12
CA ASP B 57 -7.31 -24.81 16.00
C ASP B 57 -6.21 -25.85 15.82
N VAL B 58 -6.47 -26.92 15.10
CA VAL B 58 -5.42 -27.82 14.66
C VAL B 58 -5.58 -28.06 13.16
N ALA B 59 -6.83 -28.27 12.76
CA ALA B 59 -7.14 -28.48 11.35
C ALA B 59 -6.72 -27.28 10.49
N THR B 60 -6.68 -26.09 11.08
CA THR B 60 -6.35 -24.87 10.35
C THR B 60 -5.09 -24.19 10.83
N CYS B 61 -4.74 -24.34 12.10
CA CYS B 61 -3.57 -23.65 12.66
C CYS B 61 -2.36 -24.55 12.57
N ARG B 62 -1.75 -24.55 11.39
CA ARG B 62 -0.70 -25.48 11.03
C ARG B 62 0.06 -24.90 9.84
N PHE B 63 1.29 -25.35 9.65
CA PHE B 63 2.14 -24.80 8.60
C PHE B 63 1.71 -25.30 7.24
N TYR B 64 1.60 -24.37 6.29
CA TYR B 64 1.31 -24.66 4.90
C TYR B 64 2.46 -24.11 4.07
N THR B 65 2.94 -24.89 3.14
CA THR B 65 4.10 -24.50 2.34
C THR B 65 3.64 -24.10 0.95
N LEU B 66 3.98 -22.89 0.54
CA LEU B 66 3.66 -22.43 -0.80
C LEU B 66 4.73 -22.90 -1.77
N GLU B 67 4.46 -22.68 -3.05
CA GLU B 67 5.44 -23.01 -4.08
C GLU B 67 6.70 -22.17 -3.89
N SER B 68 7.85 -22.78 -4.13
CA SER B 68 9.11 -22.08 -3.99
C SER B 68 9.27 -21.04 -5.09
N VAL B 69 10.22 -20.14 -4.89
CA VAL B 69 10.68 -19.26 -5.96
C VAL B 69 12.17 -19.48 -6.14
N THR B 70 12.66 -19.15 -7.32
CA THR B 70 14.08 -19.32 -7.65
C THR B 70 14.78 -17.99 -7.51
N TRP B 71 15.62 -17.86 -6.49
CA TRP B 71 16.52 -16.72 -6.39
C TRP B 71 17.56 -16.81 -7.49
N GLU B 72 17.47 -15.91 -8.45
CA GLU B 72 18.47 -15.77 -9.49
C GLU B 72 19.32 -14.55 -9.20
N LYS B 73 20.37 -14.37 -9.99
CA LYS B 73 21.31 -13.29 -9.75
C LYS B 73 20.71 -11.92 -10.01
N ASP B 74 19.51 -11.85 -10.60
CA ASP B 74 18.91 -10.57 -10.98
C ASP B 74 17.43 -10.53 -10.64
N SER B 75 17.00 -11.27 -9.64
CA SER B 75 15.59 -11.26 -9.28
C SER B 75 15.26 -9.97 -8.53
N PRO B 76 14.19 -9.26 -8.89
CA PRO B 76 13.80 -8.07 -8.14
C PRO B 76 13.08 -8.40 -6.84
N GLY B 77 12.30 -9.46 -6.81
CA GLY B 77 11.58 -9.83 -5.60
C GLY B 77 10.18 -10.34 -5.85
N TRP B 78 9.54 -10.86 -4.80
CA TRP B 78 8.25 -11.51 -4.91
C TRP B 78 7.34 -11.07 -3.78
N TRP B 79 6.04 -11.23 -3.99
CA TRP B 79 5.11 -10.93 -2.91
C TRP B 79 3.90 -11.86 -2.99
N TRP B 80 3.24 -11.99 -1.84
CA TRP B 80 2.00 -12.74 -1.67
C TRP B 80 1.03 -11.90 -0.86
N LYS B 81 -0.25 -11.95 -1.21
CA LYS B 81 -1.32 -11.35 -0.41
C LYS B 81 -1.90 -12.46 0.46
N PHE B 82 -1.59 -12.42 1.73
CA PHE B 82 -1.65 -13.65 2.50
C PHE B 82 -2.95 -14.17 3.10
N PRO B 83 -3.93 -13.35 3.46
CA PRO B 83 -5.26 -13.93 3.70
C PRO B 83 -5.70 -14.76 2.49
N ASP B 84 -5.44 -14.24 1.29
CA ASP B 84 -5.51 -14.98 0.04
C ASP B 84 -4.40 -16.02 0.07
N ALA B 85 -4.09 -16.66 -1.04
CA ALA B 85 -2.87 -17.47 -1.12
C ALA B 85 -2.92 -18.72 -0.26
N LEU B 86 -3.93 -18.81 0.61
CA LEU B 86 -4.12 -19.96 1.47
C LEU B 86 -5.51 -20.54 1.31
N LYS B 87 -6.14 -20.31 0.16
CA LYS B 87 -7.53 -20.73 -0.02
C LYS B 87 -7.65 -22.14 -0.57
N ASP B 88 -6.55 -22.76 -0.96
CA ASP B 88 -6.55 -24.18 -1.26
C ASP B 88 -5.88 -25.00 -0.18
N MET B 89 -5.51 -24.37 0.94
CA MET B 89 -4.76 -25.04 1.99
C MET B 89 -5.72 -25.76 2.93
N GLY B 90 -6.23 -26.88 2.44
CA GLY B 90 -7.02 -27.78 3.25
C GLY B 90 -8.20 -27.13 3.94
N LEU B 91 -8.29 -27.38 5.25
CA LEU B 91 -9.45 -26.93 6.01
C LEU B 91 -9.40 -25.44 6.32
N PHE B 92 -8.22 -24.83 6.29
CA PHE B 92 -8.16 -23.37 6.35
C PHE B 92 -8.89 -22.76 5.17
N GLY B 93 -8.58 -23.24 3.97
CA GLY B 93 -9.29 -22.76 2.80
C GLY B 93 -10.77 -23.04 2.87
N GLN B 94 -11.15 -24.24 3.32
CA GLN B 94 -12.57 -24.56 3.36
C GLN B 94 -13.33 -23.66 4.34
N ASN B 95 -12.76 -23.43 5.51
CA ASN B 95 -13.38 -22.55 6.49
C ASN B 95 -13.41 -21.11 6.00
N MET B 96 -12.46 -20.71 5.17
CA MET B 96 -12.56 -19.41 4.52
C MET B 96 -13.73 -19.39 3.55
N TYR B 97 -13.99 -20.51 2.91
CA TYR B 97 -15.02 -20.54 1.89
C TYR B 97 -16.43 -20.56 2.49
N TYR B 98 -16.61 -21.23 3.61
CA TYR B 98 -17.96 -21.43 4.12
C TYR B 98 -18.41 -20.36 5.10
N HIS B 99 -17.51 -19.47 5.52
CA HIS B 99 -17.85 -18.43 6.48
C HIS B 99 -17.70 -17.06 5.85
N TYR B 100 -18.52 -16.14 6.34
CA TYR B 100 -18.49 -14.77 5.87
C TYR B 100 -17.39 -13.96 6.54
N LEU B 101 -17.12 -14.24 7.81
CA LEU B 101 -16.06 -13.60 8.57
C LEU B 101 -15.02 -14.62 8.99
N GLY B 102 -13.77 -14.19 9.02
CA GLY B 102 -12.70 -15.02 9.51
C GLY B 102 -11.57 -14.17 10.01
N ARG B 103 -10.76 -14.75 10.89
CA ARG B 103 -9.75 -13.98 11.60
C ARG B 103 -8.61 -14.88 12.02
N ALA B 104 -7.38 -14.46 11.74
CA ALA B 104 -6.23 -15.27 12.13
C ALA B 104 -4.97 -14.42 12.16
N GLY B 105 -4.10 -14.73 13.11
CA GLY B 105 -2.70 -14.34 13.02
C GLY B 105 -1.91 -15.36 12.24
N TYR B 106 -0.60 -15.15 12.16
CA TYR B 106 0.21 -15.95 11.27
C TYR B 106 1.62 -16.09 11.80
N THR B 107 2.19 -17.26 11.56
CA THR B 107 3.64 -17.47 11.67
C THR B 107 4.14 -17.64 10.24
N ILE B 108 4.91 -16.66 9.77
CA ILE B 108 5.57 -16.74 8.48
C ILE B 108 6.99 -17.20 8.72
N HIS B 109 7.43 -18.17 7.93
CA HIS B 109 8.78 -18.69 7.99
C HIS B 109 9.29 -18.75 6.57
N VAL B 110 10.30 -17.97 6.27
CA VAL B 110 10.93 -17.93 4.95
C VAL B 110 12.24 -18.69 5.05
N GLN B 111 12.38 -19.72 4.22
CA GLN B 111 13.54 -20.59 4.21
C GLN B 111 14.33 -20.36 2.92
N CYS B 112 15.62 -20.09 3.08
CA CYS B 112 16.53 -19.94 1.95
C CYS B 112 17.93 -20.31 2.43
N ASN B 113 18.36 -21.53 2.15
CA ASN B 113 19.70 -21.95 2.48
C ASN B 113 20.61 -21.86 1.26
N ALA B 114 21.90 -21.67 1.52
CA ALA B 114 22.93 -21.69 0.49
C ALA B 114 24.20 -22.22 1.13
N SER B 115 25.33 -22.03 0.45
CA SER B 115 26.60 -22.45 0.99
C SER B 115 27.29 -21.29 1.68
N LYS B 116 28.42 -21.57 2.31
CA LYS B 116 29.23 -20.51 2.89
C LYS B 116 29.97 -19.69 1.84
N PHE B 117 29.79 -20.00 0.57
CA PHE B 117 30.46 -19.30 -0.51
C PHE B 117 29.51 -18.51 -1.37
N HIS B 118 28.22 -18.58 -1.09
CA HIS B 118 27.23 -17.72 -1.70
C HIS B 118 27.08 -16.44 -0.88
N GLN B 119 26.72 -15.36 -1.55
CA GLN B 119 26.45 -14.11 -0.86
C GLN B 119 25.15 -13.52 -1.37
N GLY B 120 24.40 -12.93 -0.45
CA GLY B 120 23.11 -12.36 -0.78
C GLY B 120 22.41 -11.85 0.45
N CYS B 121 21.48 -10.91 0.28
CA CYS B 121 20.68 -10.43 1.40
C CYS B 121 19.26 -10.18 0.93
N LEU B 122 18.31 -10.80 1.62
CA LEU B 122 16.89 -10.65 1.35
C LEU B 122 16.22 -9.91 2.48
N LEU B 123 15.36 -8.96 2.15
CA LEU B 123 14.45 -8.38 3.14
C LEU B 123 13.11 -9.10 3.04
N VAL B 124 12.65 -9.61 4.16
CA VAL B 124 11.35 -10.27 4.26
C VAL B 124 10.48 -9.37 5.12
N VAL B 125 9.48 -8.73 4.50
CA VAL B 125 8.60 -7.81 5.20
C VAL B 125 7.19 -8.35 5.19
N CYS B 126 6.45 -8.01 6.24
CA CYS B 126 5.01 -8.26 6.33
C CYS B 126 4.33 -6.90 6.42
N VAL B 127 3.74 -6.46 5.31
CA VAL B 127 3.21 -5.11 5.16
C VAL B 127 1.70 -5.18 5.38
N PRO B 128 1.16 -4.56 6.42
CA PRO B 128 -0.30 -4.52 6.56
C PRO B 128 -0.92 -3.52 5.60
N GLU B 129 -1.97 -3.96 4.92
CA GLU B 129 -2.76 -3.13 3.99
C GLU B 129 -1.90 -2.61 2.84
N ALA B 130 -1.04 -3.47 2.30
CA ALA B 130 -0.16 -3.05 1.23
C ALA B 130 -0.92 -2.82 -0.05
N GLU B 131 -1.78 -1.81 -0.07
CA GLU B 131 -2.56 -1.48 -1.25
C GLU B 131 -1.66 -0.99 -2.37
N MET B 132 -1.87 -1.51 -3.57
CA MET B 132 -0.95 -1.33 -4.68
C MET B 132 -1.57 -0.45 -5.76
N GLY B 133 -0.70 0.09 -6.62
CA GLY B 133 -1.12 0.98 -7.66
C GLY B 133 -0.92 0.44 -9.05
N CYS B 134 -1.69 0.95 -10.00
CA CYS B 134 -1.69 0.44 -11.36
C CYS B 134 -0.51 1.01 -12.16
N SER B 135 -0.11 0.26 -13.20
CA SER B 135 0.93 0.74 -14.09
C SER B 135 0.45 1.91 -14.95
N ASP B 136 -0.83 1.93 -15.30
CA ASP B 136 -1.45 3.09 -15.90
C ASP B 136 -2.01 3.96 -14.79
N VAL B 137 -1.52 5.19 -14.68
CA VAL B 137 -1.81 6.00 -13.50
C VAL B 137 -3.20 6.58 -13.58
N GLY B 138 -3.94 6.21 -14.62
CA GLY B 138 -5.36 6.52 -14.70
C GLY B 138 -6.22 5.29 -14.51
N GLY B 139 -5.61 4.11 -14.52
CA GLY B 139 -6.35 2.86 -14.43
C GLY B 139 -6.34 2.27 -13.03
N THR B 140 -7.01 1.13 -12.92
CA THR B 140 -7.09 0.38 -11.67
C THR B 140 -6.62 -1.04 -11.91
N VAL B 141 -6.25 -1.73 -10.83
CA VAL B 141 -5.66 -3.06 -10.93
C VAL B 141 -6.76 -4.11 -10.98
N ASN B 142 -6.39 -5.30 -11.42
CA ASN B 142 -7.18 -6.50 -11.28
C ASN B 142 -6.85 -7.21 -9.98
N GLU B 143 -7.65 -8.21 -9.65
CA GLU B 143 -7.26 -9.13 -8.60
C GLU B 143 -6.10 -10.01 -9.05
N HIS B 144 -6.07 -10.38 -10.33
CA HIS B 144 -4.98 -11.19 -10.82
C HIS B 144 -3.67 -10.42 -10.80
N ALA B 145 -3.73 -9.10 -10.88
CA ALA B 145 -2.52 -8.31 -10.89
C ALA B 145 -1.87 -8.27 -9.52
N ILE B 146 -2.65 -8.30 -8.44
CA ILE B 146 -2.11 -8.15 -7.10
C ILE B 146 -1.91 -9.47 -6.39
N SER B 147 -2.45 -10.56 -6.90
CA SER B 147 -2.37 -11.83 -6.20
C SER B 147 -2.51 -12.96 -7.19
N GLU B 148 -1.90 -14.10 -6.87
CA GLU B 148 -2.05 -15.31 -7.67
C GLU B 148 -2.14 -16.54 -6.79
N GLY B 149 -2.70 -16.41 -5.61
CA GLY B 149 -2.79 -17.56 -4.72
C GLY B 149 -1.42 -17.94 -4.22
N GLU B 150 -1.08 -19.23 -4.33
CA GLU B 150 0.21 -19.70 -3.85
C GLU B 150 1.35 -19.20 -4.71
N ILE B 151 1.07 -18.89 -5.99
CA ILE B 151 2.09 -18.37 -6.87
C ILE B 151 2.53 -16.99 -6.39
N ALA B 152 3.82 -16.72 -6.51
CA ALA B 152 4.37 -15.45 -6.09
C ALA B 152 4.20 -14.42 -7.19
N LYS B 153 3.90 -13.20 -6.79
CA LYS B 153 3.85 -12.08 -7.71
C LYS B 153 5.24 -11.44 -7.72
N LYS B 154 5.78 -11.27 -8.92
CA LYS B 154 7.16 -10.84 -9.08
C LYS B 154 7.23 -9.32 -9.22
N PHE B 155 8.18 -8.74 -8.48
CA PHE B 155 8.56 -7.35 -8.68
C PHE B 155 9.37 -7.22 -9.96
N SER B 156 9.55 -5.99 -10.40
CA SER B 156 10.27 -5.69 -11.63
C SER B 156 11.47 -4.82 -11.30
N ALA B 157 12.50 -4.93 -12.13
CA ALA B 157 13.66 -4.06 -11.99
C ALA B 157 13.51 -2.75 -12.73
N THR B 158 12.46 -2.62 -13.53
CA THR B 158 12.18 -1.39 -14.27
C THR B 158 10.70 -1.12 -14.21
N ALA B 159 10.34 0.11 -14.54
CA ALA B 159 8.95 0.52 -14.51
C ALA B 159 8.14 -0.30 -15.51
N THR B 160 7.00 -0.81 -15.05
CA THR B 160 6.13 -1.63 -15.88
C THR B 160 5.10 -0.75 -16.60
N ASN B 161 4.77 -1.13 -17.83
CA ASN B 161 3.73 -0.48 -18.60
C ASN B 161 2.66 -1.51 -18.99
N GLY B 162 1.62 -1.61 -18.19
CA GLY B 162 0.49 -2.45 -18.51
C GLY B 162 -0.77 -2.00 -17.82
N ALA B 163 -1.85 -1.84 -18.56
CA ALA B 163 -3.12 -1.49 -17.93
C ALA B 163 -3.62 -2.66 -17.11
N HIS B 164 -4.21 -2.35 -15.96
CA HIS B 164 -4.75 -3.32 -15.01
C HIS B 164 -3.68 -4.14 -14.33
N THR B 165 -2.41 -3.74 -14.45
CA THR B 165 -1.34 -4.42 -13.76
C THR B 165 -0.71 -3.47 -12.75
N VAL B 166 0.06 -4.03 -11.84
CA VAL B 166 0.68 -3.24 -10.80
C VAL B 166 1.96 -2.61 -11.32
N GLN B 167 2.26 -1.41 -10.83
CA GLN B 167 3.57 -0.82 -11.01
C GLN B 167 4.54 -1.56 -10.11
N SER B 168 5.24 -2.54 -10.66
CA SER B 168 5.99 -3.49 -9.85
C SER B 168 7.49 -3.27 -9.92
N ILE B 169 7.95 -2.09 -10.31
CA ILE B 169 9.35 -1.76 -10.16
C ILE B 169 9.69 -1.78 -8.67
N VAL B 170 10.75 -2.49 -8.33
CA VAL B 170 10.94 -2.91 -6.94
C VAL B 170 11.27 -1.74 -6.04
N THR B 171 11.88 -0.69 -6.58
CA THR B 171 12.30 0.44 -5.76
C THR B 171 11.12 1.20 -5.17
N ASN B 172 9.93 1.03 -5.74
CA ASN B 172 8.74 1.69 -5.23
C ASN B 172 7.78 0.74 -4.55
N ALA B 173 8.06 -0.55 -4.59
CA ALA B 173 7.35 -1.58 -3.81
C ALA B 173 5.88 -1.67 -4.18
N GLY B 174 5.51 -1.18 -5.36
CA GLY B 174 4.12 -1.14 -5.76
C GLY B 174 3.27 -0.20 -4.93
N MET B 175 3.86 0.45 -3.95
CA MET B 175 3.14 1.23 -2.97
C MET B 175 3.42 2.73 -3.05
N GLY B 176 4.35 3.16 -3.88
CA GLY B 176 4.64 4.57 -4.00
C GLY B 176 5.47 5.11 -2.88
N VAL B 177 6.42 4.32 -2.39
CA VAL B 177 7.22 4.66 -1.23
C VAL B 177 8.67 4.36 -1.55
N GLY B 178 9.54 4.55 -0.56
CA GLY B 178 10.91 4.11 -0.65
C GLY B 178 10.99 2.67 -0.22
N VAL B 179 11.64 1.85 -1.03
CA VAL B 179 11.80 0.43 -0.69
C VAL B 179 12.64 0.28 0.58
N GLY B 180 13.69 1.09 0.71
CA GLY B 180 14.56 1.03 1.86
C GLY B 180 13.92 1.41 3.17
N ASN B 181 12.74 2.00 3.13
CA ASN B 181 11.99 2.32 4.32
C ASN B 181 11.05 1.21 4.75
N LEU B 182 10.98 0.12 3.99
CA LEU B 182 10.09 -0.98 4.31
C LEU B 182 10.40 -1.61 5.66
N THR B 183 11.53 -1.24 6.26
CA THR B 183 11.88 -1.76 7.56
C THR B 183 11.05 -1.17 8.68
N ILE B 184 10.15 -0.23 8.38
CA ILE B 184 9.21 0.21 9.42
C ILE B 184 8.23 -0.89 9.77
N TYR B 185 7.96 -1.83 8.87
CA TYR B 185 7.05 -2.93 9.11
C TYR B 185 7.75 -4.10 9.79
N PRO B 186 6.99 -5.06 10.31
CA PRO B 186 7.59 -6.32 10.74
C PRO B 186 8.43 -6.98 9.66
N HIS B 187 9.73 -7.08 9.89
CA HIS B 187 10.65 -7.53 8.87
C HIS B 187 11.76 -8.35 9.50
N GLN B 188 12.42 -9.14 8.66
CA GLN B 188 13.68 -9.77 8.99
C GLN B 188 14.56 -9.73 7.75
N TRP B 189 15.83 -10.04 7.95
CA TRP B 189 16.78 -10.14 6.86
C TRP B 189 17.32 -11.55 6.79
N VAL B 190 17.31 -12.12 5.59
CA VAL B 190 18.03 -13.35 5.34
C VAL B 190 19.37 -12.94 4.73
N ASN B 191 20.39 -12.86 5.57
CA ASN B 191 21.76 -12.70 5.12
C ASN B 191 22.34 -14.09 4.95
N LEU B 192 22.78 -14.41 3.74
CA LEU B 192 23.27 -15.77 3.48
C LEU B 192 24.46 -16.10 4.35
N ARG B 193 25.33 -15.13 4.62
CA ARG B 193 26.49 -15.40 5.47
C ARG B 193 26.13 -15.53 6.94
N THR B 194 24.88 -15.34 7.30
CA THR B 194 24.41 -15.39 8.68
C THR B 194 23.20 -16.28 8.87
N ASN B 195 22.27 -16.28 7.92
CA ASN B 195 20.95 -16.87 8.07
C ASN B 195 20.72 -17.96 7.05
N ASN B 196 19.65 -18.72 7.28
CA ASN B 196 18.96 -19.37 6.19
C ASN B 196 17.45 -19.31 6.37
N SER B 197 16.95 -18.73 7.45
CA SER B 197 15.53 -18.64 7.67
C SER B 197 15.20 -17.39 8.45
N ALA B 198 14.03 -16.84 8.15
CA ALA B 198 13.45 -15.74 8.91
C ALA B 198 12.05 -16.16 9.35
N THR B 199 11.59 -15.62 10.47
CA THR B 199 10.24 -15.91 10.93
C THR B 199 9.64 -14.68 11.58
N ILE B 200 8.47 -14.31 11.12
CA ILE B 200 7.68 -13.22 11.69
C ILE B 200 6.39 -13.80 12.24
N VAL B 201 6.00 -13.35 13.42
CA VAL B 201 4.73 -13.73 14.03
C VAL B 201 3.85 -12.49 13.97
N MET B 202 2.90 -12.48 13.04
CA MET B 202 1.91 -11.42 12.87
C MET B 202 0.69 -11.71 13.69
N PRO B 203 0.21 -10.79 14.52
CA PRO B 203 -1.14 -10.92 15.07
C PRO B 203 -2.15 -10.52 14.00
N TYR B 204 -3.41 -10.51 14.39
CA TYR B 204 -4.44 -9.97 13.51
C TYR B 204 -4.40 -8.46 13.61
N ILE B 205 -4.24 -7.81 12.46
CA ILE B 205 -4.21 -6.36 12.36
C ILE B 205 -5.34 -5.93 11.44
N ASN B 206 -6.22 -5.08 11.93
CA ASN B 206 -7.30 -4.53 11.12
C ASN B 206 -7.95 -3.40 11.90
N SER B 207 -8.80 -2.66 11.22
CA SER B 207 -9.63 -1.66 11.88
C SER B 207 -10.96 -2.24 12.35
N VAL B 208 -11.15 -3.54 12.17
CA VAL B 208 -12.35 -4.24 12.65
C VAL B 208 -11.92 -5.58 13.22
N PRO B 209 -12.73 -6.13 14.13
CA PRO B 209 -12.33 -7.38 14.79
C PRO B 209 -12.23 -8.59 13.86
N MET B 210 -13.09 -8.71 12.85
CA MET B 210 -12.99 -9.76 11.85
C MET B 210 -13.36 -9.17 10.51
N ASP B 211 -13.06 -9.91 9.45
CA ASP B 211 -13.38 -9.45 8.11
C ASP B 211 -13.60 -10.65 7.22
N ASN B 212 -14.00 -10.38 5.98
CA ASN B 212 -14.06 -11.43 4.98
C ASN B 212 -12.67 -11.72 4.46
N MET B 213 -12.29 -12.99 4.45
CA MET B 213 -10.97 -13.40 4.04
C MET B 213 -10.83 -13.56 2.55
N PHE B 214 -11.85 -13.20 1.78
CA PHE B 214 -11.75 -13.12 0.32
C PHE B 214 -11.63 -11.69 -0.17
N ARG B 215 -12.30 -10.78 0.52
CA ARG B 215 -12.44 -9.42 0.02
C ARG B 215 -11.26 -8.54 0.41
N HIS B 216 -10.65 -8.79 1.55
CA HIS B 216 -9.67 -7.88 2.13
C HIS B 216 -8.35 -8.59 2.35
N HIS B 217 -7.29 -8.05 1.76
CA HIS B 217 -5.94 -8.57 1.95
C HIS B 217 -5.36 -7.93 3.20
N ASN B 218 -5.27 -8.70 4.27
CA ASN B 218 -4.87 -8.13 5.54
C ASN B 218 -3.40 -7.72 5.52
N PHE B 219 -2.53 -8.57 4.96
CA PHE B 219 -1.14 -8.17 4.82
C PHE B 219 -0.52 -8.88 3.62
N THR B 220 0.57 -8.29 3.15
CA THR B 220 1.37 -8.79 2.04
C THR B 220 2.73 -9.19 2.57
N LEU B 221 3.20 -10.36 2.18
CA LEU B 221 4.57 -10.75 2.45
C LEU B 221 5.40 -10.42 1.23
N MET B 222 6.43 -9.61 1.43
CA MET B 222 7.36 -9.25 0.38
C MET B 222 8.72 -9.84 0.69
N ILE B 223 9.39 -10.34 -0.35
CA ILE B 223 10.75 -10.84 -0.26
C ILE B 223 11.53 -10.16 -1.36
N ILE B 224 12.40 -9.23 -0.98
CA ILE B 224 13.11 -8.36 -1.91
C ILE B 224 14.60 -8.56 -1.70
N PRO B 225 15.36 -9.01 -2.68
CA PRO B 225 16.82 -9.03 -2.52
C PRO B 225 17.45 -7.64 -2.62
N PHE B 226 18.04 -7.18 -1.52
CA PHE B 226 18.75 -5.91 -1.53
C PHE B 226 20.16 -6.07 -2.07
N VAL B 227 20.88 -7.06 -1.58
CA VAL B 227 22.15 -7.48 -2.15
C VAL B 227 21.88 -8.72 -2.97
N SER B 228 22.32 -8.69 -4.23
CA SER B 228 21.98 -9.73 -5.20
C SER B 228 22.60 -11.06 -4.82
N LEU B 229 22.03 -12.12 -5.37
CA LEU B 229 22.52 -13.47 -5.17
C LEU B 229 23.80 -13.68 -5.97
N ASP B 230 24.90 -13.95 -5.28
CA ASP B 230 26.17 -14.09 -5.95
C ASP B 230 26.90 -15.32 -5.42
N TYR B 231 27.68 -15.92 -6.31
CA TYR B 231 28.46 -17.11 -6.06
C TYR B 231 29.46 -17.20 -7.21
N SER B 232 30.61 -17.78 -6.93
CA SER B 232 31.57 -18.01 -8.00
C SER B 232 31.28 -19.34 -8.65
N SER B 233 31.71 -19.47 -9.90
CA SER B 233 31.38 -20.63 -10.71
C SER B 233 31.85 -21.91 -10.04
N ASP B 234 31.24 -23.03 -10.47
CA ASP B 234 31.33 -24.38 -9.94
C ASP B 234 30.44 -24.56 -8.70
N ALA B 235 29.88 -23.48 -8.15
CA ALA B 235 28.96 -23.58 -7.04
C ALA B 235 27.54 -23.82 -7.55
N SER B 236 26.65 -24.18 -6.63
CA SER B 236 25.26 -24.41 -7.00
C SER B 236 24.64 -23.14 -7.51
N THR B 237 24.11 -23.19 -8.73
CA THR B 237 23.41 -22.06 -9.31
C THR B 237 21.96 -21.98 -8.88
N TYR B 238 21.40 -23.05 -8.34
CA TYR B 238 20.01 -23.06 -7.94
C TYR B 238 19.89 -22.76 -6.45
N VAL B 239 19.21 -21.67 -6.13
CA VAL B 239 18.90 -21.32 -4.75
C VAL B 239 17.40 -21.06 -4.70
N PRO B 240 16.63 -21.89 -4.02
CA PRO B 240 15.20 -21.64 -3.89
C PRO B 240 14.86 -20.90 -2.60
N ILE B 241 13.66 -20.34 -2.58
CA ILE B 241 13.13 -19.67 -1.42
C ILE B 241 11.73 -20.21 -1.16
N THR B 242 11.53 -20.78 0.02
CA THR B 242 10.27 -21.38 0.41
C THR B 242 9.58 -20.53 1.46
N VAL B 243 8.26 -20.40 1.37
CA VAL B 243 7.48 -19.73 2.40
C VAL B 243 6.54 -20.73 3.05
N THR B 244 6.52 -20.72 4.38
CA THR B 244 5.70 -21.60 5.20
C THR B 244 4.87 -20.71 6.12
N VAL B 245 3.56 -20.84 6.04
CA VAL B 245 2.65 -19.96 6.77
C VAL B 245 1.74 -20.81 7.64
N ALA B 246 1.71 -20.53 8.92
CA ALA B 246 0.81 -21.20 9.83
C ALA B 246 -0.19 -20.21 10.37
N PRO B 247 -1.47 -20.29 10.02
CA PRO B 247 -2.47 -19.51 10.73
C PRO B 247 -2.45 -19.81 12.21
N MET B 248 -2.93 -18.85 12.99
CA MET B 248 -2.80 -18.90 14.43
C MET B 248 -4.03 -18.27 15.04
N CYS B 249 -4.63 -18.96 16.01
CA CYS B 249 -5.79 -18.44 16.72
C CYS B 249 -6.88 -18.05 15.75
N ALA B 250 -7.08 -18.88 14.73
CA ALA B 250 -8.03 -18.60 13.67
C ALA B 250 -9.45 -18.97 14.10
N GLU B 251 -10.40 -18.09 13.80
CA GLU B 251 -11.80 -18.32 14.08
C GLU B 251 -12.65 -17.76 12.96
N TYR B 252 -13.87 -18.26 12.83
CA TYR B 252 -14.74 -17.88 11.73
C TYR B 252 -16.18 -17.70 12.21
N ASN B 253 -16.88 -16.78 11.57
CA ASN B 253 -18.27 -16.47 11.87
C ASN B 253 -19.04 -16.32 10.58
N GLY B 254 -20.35 -16.50 10.66
CA GLY B 254 -21.20 -16.30 9.51
C GLY B 254 -21.15 -17.44 8.53
N LEU B 255 -21.57 -18.62 8.98
CA LEU B 255 -21.53 -19.81 8.14
C LEU B 255 -22.73 -19.84 7.20
N ARG B 256 -22.46 -20.10 5.93
CA ARG B 256 -23.49 -20.27 4.92
C ARG B 256 -22.91 -21.14 3.82
N LEU B 257 -23.58 -21.18 2.67
CA LEU B 257 -23.04 -21.89 1.52
C LEU B 257 -21.70 -21.27 1.10
N ALA B 258 -20.97 -21.99 0.26
CA ALA B 258 -19.61 -21.61 -0.07
C ALA B 258 -19.55 -20.63 -1.22
N THR B 259 -18.67 -19.64 -1.09
CA THR B 259 -18.36 -18.74 -2.19
C THR B 259 -17.80 -19.52 -3.38
N SER B 260 -18.15 -19.08 -4.58
CA SER B 260 -17.67 -19.71 -5.81
C SER B 260 -16.98 -18.64 -6.64
N LEU B 261 -15.66 -18.53 -6.46
CA LEU B 261 -14.86 -17.56 -7.20
C LEU B 261 -14.85 -17.83 -8.69
N GLY C 1 -25.95 41.68 31.02
CA GLY C 1 -24.85 42.03 30.13
C GLY C 1 -23.56 42.32 30.87
N LEU C 2 -22.74 41.29 31.07
CA LEU C 2 -21.44 41.47 31.72
C LEU C 2 -20.55 42.34 30.85
N PRO C 3 -19.88 43.35 31.41
CA PRO C 3 -18.98 44.18 30.61
C PRO C 3 -17.76 43.40 30.17
N VAL C 4 -17.33 43.62 28.94
CA VAL C 4 -16.32 42.77 28.32
C VAL C 4 -15.66 43.57 27.20
N MET C 5 -14.41 43.25 26.92
CA MET C 5 -13.63 43.99 25.95
C MET C 5 -12.87 43.01 25.06
N ASN C 6 -13.00 43.19 23.76
CA ASN C 6 -12.39 42.28 22.81
C ASN C 6 -10.96 42.67 22.54
N THR C 7 -10.10 41.70 22.52
CA THR C 7 -8.67 41.88 22.39
C THR C 7 -8.24 41.54 20.98
N PRO C 8 -7.07 42.00 20.55
CA PRO C 8 -6.56 41.59 19.24
C PRO C 8 -6.46 40.08 19.16
N GLY C 9 -6.65 39.57 17.95
CA GLY C 9 -6.78 38.14 17.77
C GLY C 9 -8.20 37.63 17.85
N SER C 10 -9.18 38.51 17.92
CA SER C 10 -10.56 38.08 17.92
C SER C 10 -11.04 37.90 16.49
N ASN C 11 -11.78 36.83 16.26
CA ASN C 11 -12.34 36.50 14.95
C ASN C 11 -11.26 36.23 13.92
N GLN C 12 -10.07 35.87 14.37
CA GLN C 12 -9.02 35.36 13.51
C GLN C 12 -9.07 33.84 13.53
N PHE C 13 -8.61 33.24 12.44
CA PHE C 13 -8.51 31.79 12.39
C PHE C 13 -7.01 31.44 12.36
N LEU C 14 -6.46 31.21 13.55
CA LEU C 14 -5.12 30.71 13.68
C LEU C 14 -5.16 29.20 13.52
N THR C 15 -4.43 28.68 12.53
CA THR C 15 -4.51 27.27 12.20
C THR C 15 -3.95 26.38 13.31
N SER C 16 -3.22 26.96 14.26
CA SER C 16 -2.59 26.19 15.34
C SER C 16 -3.35 26.27 16.66
N ASP C 17 -4.44 27.02 16.72
CA ASP C 17 -5.09 27.28 17.99
C ASP C 17 -5.77 26.04 18.54
N ASP C 18 -6.26 26.15 19.77
CA ASP C 18 -6.82 24.99 20.48
C ASP C 18 -7.97 25.49 21.35
N PHE C 19 -9.18 25.48 20.79
CA PHE C 19 -10.36 25.93 21.49
C PHE C 19 -11.45 24.87 21.40
N GLN C 20 -12.40 24.95 22.32
CA GLN C 20 -13.57 24.11 22.26
C GLN C 20 -14.57 24.63 21.23
N SER C 21 -15.19 23.72 20.51
CA SER C 21 -16.17 24.02 19.48
C SER C 21 -17.48 23.33 19.81
N PRO C 22 -18.56 23.70 19.14
CA PRO C 22 -19.79 22.90 19.27
C PRO C 22 -19.79 21.73 18.30
N SER C 23 -20.27 20.60 18.78
CA SER C 23 -20.39 19.41 17.95
C SER C 23 -21.60 19.53 17.03
N ALA C 24 -21.38 19.25 15.75
CA ALA C 24 -22.47 19.18 14.80
C ALA C 24 -23.33 17.94 14.98
N MET C 25 -22.90 16.98 15.78
CA MET C 25 -23.62 15.74 16.01
C MET C 25 -23.70 15.50 17.51
N PRO C 26 -24.71 16.05 18.18
CA PRO C 26 -24.79 15.92 19.63
C PRO C 26 -25.14 14.51 20.07
N GLN C 27 -24.42 14.04 21.09
CA GLN C 27 -24.66 12.74 21.73
C GLN C 27 -24.44 11.59 20.77
N PHE C 28 -23.58 11.79 19.78
CA PHE C 28 -23.23 10.73 18.85
C PHE C 28 -22.47 9.62 19.59
N ASP C 29 -22.98 8.40 19.48
CA ASP C 29 -22.36 7.25 20.13
C ASP C 29 -21.23 6.72 19.27
N VAL C 30 -20.01 6.93 19.73
CA VAL C 30 -18.83 6.61 18.93
C VAL C 30 -18.53 5.11 19.04
N THR C 31 -18.01 4.55 17.96
CA THR C 31 -17.68 3.14 17.92
C THR C 31 -16.76 2.78 19.09
N PRO C 32 -16.88 1.58 19.67
CA PRO C 32 -15.96 1.19 20.73
C PRO C 32 -14.54 1.09 20.22
N GLU C 33 -13.60 1.19 21.15
CA GLU C 33 -12.20 1.14 20.80
C GLU C 33 -11.74 -0.30 20.66
N LEU C 34 -10.84 -0.52 19.72
CA LEU C 34 -10.31 -1.85 19.45
C LEU C 34 -8.81 -1.81 19.69
N ASP C 35 -8.30 -2.81 20.42
CA ASP C 35 -6.84 -2.90 20.68
C ASP C 35 -6.13 -3.34 19.39
N ILE C 36 -5.78 -2.38 18.52
CA ILE C 36 -5.07 -2.72 17.29
C ILE C 36 -3.59 -2.81 17.64
N PRO C 37 -2.86 -3.76 17.06
CA PRO C 37 -1.41 -3.78 17.28
C PRO C 37 -0.73 -2.58 16.65
N GLY C 38 0.30 -2.08 17.33
CA GLY C 38 1.19 -1.11 16.76
C GLY C 38 0.70 0.32 16.83
N GLU C 39 0.37 0.78 18.03
CA GLU C 39 -0.09 2.14 18.21
C GLU C 39 1.08 3.09 18.34
N VAL C 40 1.05 4.17 17.58
CA VAL C 40 2.10 5.16 17.58
C VAL C 40 1.67 6.31 18.47
N LYS C 41 2.53 6.70 19.39
CA LYS C 41 2.27 7.83 20.25
C LYS C 41 3.26 8.96 20.05
N ASN C 42 4.36 8.72 19.35
CA ASN C 42 5.37 9.73 19.10
C ASN C 42 6.10 9.36 17.82
N LEU C 43 6.32 10.34 16.95
CA LEU C 43 7.03 10.09 15.72
C LEU C 43 8.48 9.68 15.95
N MET C 44 8.99 9.93 17.15
CA MET C 44 10.36 9.53 17.44
C MET C 44 10.45 8.03 17.62
N GLU C 45 9.37 7.39 18.04
CA GLU C 45 9.30 5.93 17.98
C GLU C 45 9.48 5.42 16.55
N ILE C 46 9.04 6.19 15.57
CA ILE C 46 9.23 5.81 14.18
C ILE C 46 10.67 6.08 13.74
N ALA C 47 11.15 7.30 13.94
CA ALA C 47 12.49 7.66 13.49
C ALA C 47 13.58 6.87 14.19
N GLU C 48 13.27 6.17 15.27
CA GLU C 48 14.25 5.34 15.97
C GLU C 48 14.46 3.99 15.30
N VAL C 49 13.84 3.76 14.16
CA VAL C 49 13.91 2.49 13.45
C VAL C 49 14.84 2.63 12.27
N ASP C 50 15.65 1.61 12.03
CA ASP C 50 16.59 1.62 10.93
C ASP C 50 15.89 1.75 9.58
N SER C 51 16.61 2.31 8.62
CA SER C 51 16.16 2.35 7.23
C SER C 51 17.39 2.36 6.35
N VAL C 52 17.33 1.60 5.26
CA VAL C 52 18.49 1.47 4.38
C VAL C 52 18.79 2.83 3.75
N VAL C 53 20.02 3.28 3.92
CA VAL C 53 20.52 4.55 3.41
C VAL C 53 20.93 4.35 1.96
N PRO C 54 20.50 5.21 1.05
CA PRO C 54 21.06 5.15 -0.32
C PRO C 54 22.38 5.90 -0.45
N VAL C 55 23.46 5.23 -0.09
CA VAL C 55 24.77 5.88 -0.15
C VAL C 55 25.30 5.88 -1.57
N ASN C 56 24.90 4.92 -2.39
CA ASN C 56 25.35 4.86 -3.77
C ASN C 56 24.40 5.62 -4.68
N ASN C 57 24.06 6.85 -4.30
CA ASN C 57 23.14 7.67 -5.09
C ASN C 57 23.92 8.43 -6.16
N VAL C 58 24.54 7.66 -7.04
CA VAL C 58 25.25 8.19 -8.19
C VAL C 58 24.37 7.97 -9.42
N VAL C 59 24.77 8.62 -10.52
CA VAL C 59 23.90 8.65 -11.70
C VAL C 59 23.70 7.25 -12.27
N GLY C 60 22.55 7.05 -12.89
CA GLY C 60 22.19 5.78 -13.47
C GLY C 60 21.76 4.72 -12.47
N LYS C 61 21.70 5.05 -11.18
CA LYS C 61 21.35 4.05 -10.18
C LYS C 61 20.23 4.51 -9.25
N LEU C 62 19.66 5.68 -9.49
CA LEU C 62 18.68 6.21 -8.54
C LEU C 62 17.38 5.42 -8.53
N ASP C 63 17.12 4.64 -9.57
CA ASP C 63 15.88 3.89 -9.70
C ASP C 63 16.10 2.39 -9.56
N THR C 64 17.27 1.98 -9.10
CA THR C 64 17.64 0.58 -8.98
C THR C 64 17.99 0.27 -7.53
N MET C 65 18.08 -1.02 -7.21
CA MET C 65 18.49 -1.44 -5.88
C MET C 65 19.99 -1.34 -5.66
N ASP C 66 20.75 -1.05 -6.71
CA ASP C 66 22.18 -0.84 -6.60
C ASP C 66 22.53 0.47 -5.92
N ILE C 67 21.52 1.33 -5.68
CA ILE C 67 21.73 2.58 -4.97
C ILE C 67 22.01 2.34 -3.49
N PHE C 68 21.70 1.15 -2.98
CA PHE C 68 21.82 0.88 -1.56
C PHE C 68 23.13 0.22 -1.18
N ARG C 69 23.82 -0.41 -2.12
CA ARG C 69 24.98 -1.22 -1.80
C ARG C 69 26.25 -0.40 -2.02
N ILE C 70 27.07 -0.33 -0.97
CA ILE C 70 28.39 0.26 -1.06
C ILE C 70 29.36 -0.83 -1.50
N PRO C 71 30.03 -0.69 -2.64
CA PRO C 71 30.84 -1.79 -3.18
C PRO C 71 32.20 -1.89 -2.51
N VAL C 72 32.52 -3.08 -2.01
CA VAL C 72 33.86 -3.36 -1.51
C VAL C 72 34.41 -4.54 -2.30
N GLN C 73 35.73 -4.68 -2.30
CA GLN C 73 36.36 -5.74 -3.08
C GLN C 73 37.68 -6.12 -2.45
N SER C 74 38.26 -7.20 -2.97
CA SER C 74 39.56 -7.69 -2.53
C SER C 74 40.67 -7.12 -3.39
N GLY C 75 41.81 -6.89 -2.76
CA GLY C 75 42.97 -6.29 -3.40
C GLY C 75 43.48 -5.12 -2.60
N ASN C 76 44.61 -4.59 -3.06
CA ASN C 76 45.19 -3.41 -2.45
C ASN C 76 44.38 -2.21 -2.89
N HIS C 77 43.42 -1.80 -2.05
CA HIS C 77 42.54 -0.68 -2.34
C HIS C 77 42.50 0.31 -1.19
N GLN C 78 43.44 0.21 -0.26
CA GLN C 78 43.40 1.06 0.92
C GLN C 78 43.61 2.52 0.58
N SER C 79 44.26 2.81 -0.54
CA SER C 79 44.40 4.18 -1.01
C SER C 79 43.09 4.78 -1.46
N THR C 80 41.98 4.04 -1.38
CA THR C 80 40.70 4.50 -1.87
C THR C 80 39.70 4.53 -0.72
N GLN C 81 38.83 5.52 -0.73
CA GLN C 81 37.80 5.62 0.27
C GLN C 81 36.60 4.77 -0.13
N VAL C 82 36.06 4.01 0.83
CA VAL C 82 34.88 3.22 0.54
C VAL C 82 33.68 4.11 0.25
N PHE C 83 33.42 5.08 1.14
CA PHE C 83 32.34 6.03 0.90
C PHE C 83 32.55 7.22 1.81
N GLY C 84 31.72 8.24 1.60
CA GLY C 84 31.69 9.39 2.46
C GLY C 84 30.52 10.31 2.18
N PHE C 85 29.90 10.83 3.23
CA PHE C 85 28.80 11.76 3.06
C PHE C 85 28.80 12.77 4.19
N GLN C 86 28.01 13.82 4.01
CA GLN C 86 27.79 14.78 5.08
C GLN C 86 26.67 14.31 5.99
N VAL C 87 26.82 14.60 7.27
CA VAL C 87 25.78 14.26 8.24
C VAL C 87 24.80 15.42 8.22
N GLN C 88 23.92 15.38 7.23
CA GLN C 88 22.81 16.32 7.09
C GLN C 88 21.57 15.46 7.00
N PRO C 89 21.08 14.96 8.13
CA PRO C 89 20.08 13.90 8.12
C PRO C 89 18.73 14.31 7.56
N GLY C 90 18.57 15.55 7.09
CA GLY C 90 17.33 15.98 6.52
C GLY C 90 17.52 16.85 5.30
N LEU C 91 18.76 17.10 4.94
CA LEU C 91 19.08 17.88 3.76
C LEU C 91 19.84 17.07 2.72
N ASP C 92 20.72 16.19 3.16
CA ASP C 92 21.55 15.41 2.26
C ASP C 92 20.69 14.43 1.48
N SER C 93 20.88 14.40 0.16
CA SER C 93 20.19 13.45 -0.69
C SER C 93 20.45 12.00 -0.29
N VAL C 94 21.43 11.76 0.59
CA VAL C 94 21.66 10.43 1.13
C VAL C 94 20.74 10.13 2.30
N PHE C 95 20.18 11.15 2.95
CA PHE C 95 19.38 10.96 4.16
C PHE C 95 17.98 11.52 4.10
N LYS C 96 17.68 12.44 3.18
CA LYS C 96 16.42 13.16 3.22
C LYS C 96 15.22 12.24 3.03
N HIS C 97 15.41 11.06 2.44
CA HIS C 97 14.29 10.19 2.12
C HIS C 97 14.28 8.91 2.95
N THR C 98 15.21 8.78 3.90
CA THR C 98 15.13 7.71 4.87
C THR C 98 14.00 8.00 5.85
N LEU C 99 13.65 7.01 6.67
CA LEU C 99 12.60 7.23 7.65
C LEU C 99 12.93 8.42 8.55
N LEU C 100 14.14 8.43 9.08
CA LEU C 100 14.58 9.54 9.91
C LEU C 100 14.55 10.84 9.12
N GLY C 101 15.03 10.82 7.89
CA GLY C 101 15.02 12.04 7.09
C GLY C 101 13.63 12.54 6.77
N GLU C 102 12.71 11.62 6.46
CA GLU C 102 11.33 12.01 6.22
C GLU C 102 10.72 12.66 7.45
N ILE C 103 10.83 12.00 8.61
CA ILE C 103 10.32 12.61 9.83
C ILE C 103 10.99 13.95 10.10
N LEU C 104 12.26 14.08 9.74
CA LEU C 104 12.97 15.33 9.97
C LEU C 104 12.41 16.45 9.12
N ASN C 105 12.06 16.16 7.89
CA ASN C 105 11.61 17.23 7.00
C ASN C 105 10.22 17.74 7.33
N TYR C 106 9.61 17.30 8.44
CA TYR C 106 8.40 17.91 8.95
C TYR C 106 8.68 18.91 10.06
N TYR C 107 9.93 19.06 10.45
CA TYR C 107 10.31 19.94 11.53
C TYR C 107 11.44 20.83 11.04
N ALA C 108 11.77 21.84 11.82
CA ALA C 108 12.85 22.74 11.48
C ALA C 108 14.11 22.48 12.27
N HIS C 109 13.99 21.92 13.47
CA HIS C 109 15.13 21.72 14.36
C HIS C 109 15.25 20.27 14.76
N TRP C 110 16.49 19.77 14.78
CA TRP C 110 16.76 18.43 15.26
C TRP C 110 17.92 18.45 16.24
N SER C 111 17.97 17.43 17.08
CA SER C 111 18.97 17.35 18.13
C SER C 111 19.19 15.88 18.45
N GLY C 112 20.42 15.51 18.76
CA GLY C 112 20.73 14.20 19.30
C GLY C 112 21.67 13.41 18.41
N SER C 113 22.00 12.21 18.89
CA SER C 113 22.92 11.32 18.21
C SER C 113 22.18 10.50 17.17
N VAL C 114 22.91 10.03 16.18
CA VAL C 114 22.34 9.27 15.09
C VAL C 114 23.18 8.02 14.86
N LYS C 115 22.54 6.85 14.89
CA LYS C 115 23.22 5.59 14.66
C LYS C 115 23.27 5.30 13.18
N LEU C 116 24.43 4.90 12.70
CA LEU C 116 24.57 4.30 11.38
C LEU C 116 25.06 2.89 11.59
N THR C 117 24.20 1.93 11.31
CA THR C 117 24.58 0.53 11.32
C THR C 117 25.02 0.12 9.93
N PHE C 118 26.12 -0.62 9.86
CA PHE C 118 26.68 -1.10 8.62
C PHE C 118 26.64 -2.62 8.62
N VAL C 119 26.23 -3.20 7.50
CA VAL C 119 26.01 -4.63 7.39
C VAL C 119 26.86 -5.16 6.24
N PHE C 120 27.62 -6.20 6.50
CA PHE C 120 28.42 -6.85 5.49
C PHE C 120 27.62 -7.96 4.85
N CYS C 121 27.60 -8.00 3.52
CA CYS C 121 26.80 -8.95 2.78
C CYS C 121 27.67 -9.66 1.74
N GLY C 122 28.84 -10.11 2.16
CA GLY C 122 29.64 -11.02 1.37
C GLY C 122 29.52 -12.44 1.89
N SER C 123 30.33 -13.32 1.31
CA SER C 123 30.35 -14.71 1.75
C SER C 123 30.69 -14.77 3.23
N ALA C 124 30.33 -15.88 3.86
CA ALA C 124 30.82 -16.15 5.19
C ALA C 124 32.33 -16.37 5.20
N MET C 125 32.91 -16.69 4.05
CA MET C 125 34.33 -16.94 3.93
C MET C 125 35.15 -15.67 3.75
N ALA C 126 34.54 -14.59 3.28
CA ALA C 126 35.24 -13.33 3.10
C ALA C 126 35.44 -12.64 4.43
N THR C 127 36.61 -12.05 4.62
CA THR C 127 36.95 -11.37 5.85
C THR C 127 37.48 -9.99 5.54
N GLY C 128 37.28 -9.06 6.47
CA GLY C 128 37.75 -7.71 6.27
C GLY C 128 37.57 -6.87 7.51
N LYS C 129 38.41 -5.85 7.61
CA LYS C 129 38.31 -4.84 8.64
C LYS C 129 38.16 -3.48 7.99
N PHE C 130 37.32 -2.64 8.58
CA PHE C 130 37.07 -1.29 8.07
C PHE C 130 37.24 -0.27 9.17
N LEU C 131 37.58 0.94 8.78
CA LEU C 131 37.55 2.08 9.68
C LEU C 131 36.39 2.95 9.25
N LEU C 132 35.44 3.14 10.16
CA LEU C 132 34.32 4.04 9.95
C LEU C 132 34.56 5.27 10.80
N ALA C 133 34.69 6.43 10.17
CA ALA C 133 35.16 7.63 10.83
C ALA C 133 34.17 8.78 10.63
N TYR C 134 33.60 9.24 11.71
CA TYR C 134 32.84 10.49 11.73
C TYR C 134 33.77 11.62 12.16
N SER C 135 33.84 12.66 11.34
CA SER C 135 34.64 13.84 11.65
C SER C 135 33.74 15.03 11.91
N PRO C 136 33.85 15.65 13.08
CA PRO C 136 33.09 16.87 13.35
C PRO C 136 33.45 17.98 12.39
N PRO C 137 32.64 19.02 12.29
CA PRO C 137 32.89 20.05 11.28
C PRO C 137 34.07 20.92 11.64
N GLY C 138 34.44 21.81 10.72
CA GLY C 138 35.51 22.75 10.95
C GLY C 138 36.76 22.45 10.16
N ALA C 139 36.88 21.24 9.64
CA ALA C 139 37.91 20.88 8.70
C ALA C 139 37.23 20.25 7.49
N ASN C 140 37.99 20.13 6.41
CA ASN C 140 37.45 19.44 5.25
C ASN C 140 37.32 17.95 5.53
N ALA C 141 36.58 17.27 4.67
CA ALA C 141 36.48 15.82 4.77
C ALA C 141 37.86 15.21 4.61
N PRO C 142 38.19 14.18 5.37
CA PRO C 142 39.53 13.60 5.27
C PRO C 142 39.77 13.01 3.88
N LYS C 143 41.02 13.11 3.44
CA LYS C 143 41.43 12.59 2.15
C LYS C 143 42.17 11.28 2.27
N THR C 144 42.65 10.95 3.46
CA THR C 144 43.38 9.73 3.74
C THR C 144 42.77 9.07 4.96
N ARG C 145 43.10 7.80 5.16
CA ARG C 145 42.70 7.12 6.38
C ARG C 145 43.44 7.67 7.59
N LYS C 146 44.65 8.21 7.38
CA LYS C 146 45.39 8.81 8.47
C LYS C 146 44.66 10.02 9.02
N ASP C 147 43.99 10.77 8.15
CA ASP C 147 43.23 11.92 8.62
C ASP C 147 41.90 11.50 9.23
N ALA C 148 41.27 10.47 8.67
CA ALA C 148 39.98 10.02 9.18
C ALA C 148 40.10 9.40 10.55
N MET C 149 41.20 8.70 10.82
CA MET C 149 41.35 8.08 12.13
C MET C 149 41.62 9.07 13.24
N LEU C 150 41.71 10.37 12.96
CA LEU C 150 41.81 11.35 14.01
C LEU C 150 40.45 11.76 14.57
N GLY C 151 39.37 11.51 13.83
CA GLY C 151 38.03 11.75 14.30
C GLY C 151 37.48 10.56 15.05
N THR C 152 36.19 10.63 15.34
CA THR C 152 35.53 9.56 16.09
C THR C 152 35.35 8.36 15.18
N HIS C 153 36.03 7.26 15.46
CA HIS C 153 35.98 6.13 14.56
C HIS C 153 35.70 4.84 15.31
N VAL C 154 35.26 3.85 14.54
CA VAL C 154 35.13 2.48 14.98
C VAL C 154 35.89 1.62 13.97
N ILE C 155 36.67 0.68 14.46
CA ILE C 155 37.34 -0.30 13.62
C ILE C 155 36.48 -1.55 13.63
N TRP C 156 35.75 -1.74 12.55
CA TRP C 156 34.77 -2.81 12.40
C TRP C 156 35.46 -4.06 11.87
N ASP C 157 35.37 -5.15 12.61
CA ASP C 157 35.90 -6.44 12.22
C ASP C 157 34.74 -7.35 11.84
N VAL C 158 34.78 -7.86 10.62
CA VAL C 158 33.68 -8.66 10.09
C VAL C 158 33.80 -10.09 10.59
N GLY C 159 32.73 -10.61 11.18
CA GLY C 159 32.70 -11.96 11.71
C GLY C 159 31.30 -12.51 11.69
N LEU C 160 30.98 -13.32 12.69
CA LEU C 160 29.62 -13.87 12.76
C LEU C 160 28.60 -12.81 13.08
N GLN C 161 28.98 -11.75 13.81
CA GLN C 161 28.16 -10.56 13.91
C GLN C 161 28.38 -9.74 12.64
N SER C 162 27.33 -9.59 11.84
CA SER C 162 27.47 -9.06 10.50
C SER C 162 27.33 -7.54 10.42
N SER C 163 27.07 -6.86 11.52
CA SER C 163 26.81 -5.43 11.47
C SER C 163 27.53 -4.72 12.60
N CYS C 164 27.99 -3.50 12.29
CA CYS C 164 28.62 -2.63 13.26
C CYS C 164 27.80 -1.36 13.40
N VAL C 165 27.84 -0.73 14.57
CA VAL C 165 27.16 0.53 14.79
C VAL C 165 28.20 1.63 14.96
N LEU C 166 28.12 2.65 14.13
CA LEU C 166 28.85 3.90 14.32
C LEU C 166 27.85 4.94 14.81
N CYS C 167 27.95 5.30 16.09
CA CYS C 167 27.09 6.31 16.66
C CYS C 167 27.72 7.67 16.46
N ILE C 168 27.03 8.56 15.75
CA ILE C 168 27.45 9.94 15.60
C ILE C 168 26.91 10.71 16.79
N PRO C 169 27.74 11.12 17.74
CA PRO C 169 27.24 11.76 18.95
C PRO C 169 26.82 13.19 18.66
N TRP C 170 26.08 13.76 19.61
CA TRP C 170 25.75 15.16 19.54
C TRP C 170 26.97 15.95 19.99
N ILE C 171 27.75 16.43 19.03
CA ILE C 171 28.82 17.38 19.27
C ILE C 171 28.45 18.63 18.50
N SER C 172 27.73 19.53 19.14
CA SER C 172 27.24 20.73 18.50
C SER C 172 27.53 21.93 19.39
N GLN C 173 27.60 23.11 18.78
CA GLN C 173 27.72 24.33 19.56
C GLN C 173 26.36 24.81 20.05
N THR C 174 25.30 24.41 19.37
CA THR C 174 23.92 24.76 19.70
C THR C 174 23.18 23.51 20.16
N HIS C 175 22.09 23.73 20.88
CA HIS C 175 21.27 22.60 21.33
C HIS C 175 20.56 21.93 20.17
N TYR C 176 20.26 22.68 19.14
CA TYR C 176 19.55 22.18 17.97
C TYR C 176 20.33 22.57 16.73
N ARG C 177 20.17 21.77 15.68
CA ARG C 177 20.62 22.12 14.35
C ARG C 177 19.40 22.33 13.47
N LEU C 178 19.59 23.06 12.39
CA LEU C 178 18.53 23.23 11.41
C LEU C 178 18.42 21.98 10.55
N VAL C 179 17.20 21.51 10.32
CA VAL C 179 17.00 20.44 9.36
C VAL C 179 17.42 20.90 7.96
N HIS C 180 17.06 22.13 7.60
CA HIS C 180 17.60 22.75 6.39
C HIS C 180 18.96 23.35 6.76
N GLN C 181 19.97 22.50 6.71
CA GLN C 181 21.26 22.80 7.32
C GLN C 181 22.11 23.70 6.44
N ASP C 182 22.71 24.70 7.07
CA ASP C 182 23.66 25.62 6.42
C ASP C 182 25.01 25.44 7.09
N GLU C 183 25.95 26.33 6.76
CA GLU C 183 27.30 26.20 7.28
C GLU C 183 27.40 26.49 8.77
N TYR C 184 26.43 27.19 9.37
CA TYR C 184 26.51 27.42 10.80
C TYR C 184 26.24 26.14 11.58
N THR C 185 25.14 25.46 11.25
CA THR C 185 24.73 24.25 11.95
C THR C 185 25.25 23.00 11.27
N SER C 186 26.37 23.08 10.57
CA SER C 186 27.01 21.90 10.00
C SER C 186 27.25 20.85 11.07
N ALA C 187 27.32 19.59 10.64
CA ALA C 187 27.46 18.49 11.58
C ALA C 187 28.63 17.57 11.30
N GLY C 188 29.41 17.80 10.26
CA GLY C 188 30.55 16.97 9.95
C GLY C 188 30.30 16.03 8.79
N ASN C 189 31.11 14.98 8.75
CA ASN C 189 31.04 14.01 7.66
C ASN C 189 31.34 12.62 8.20
N VAL C 190 30.92 11.61 7.44
CA VAL C 190 31.25 10.22 7.73
C VAL C 190 31.98 9.65 6.52
N THR C 191 33.11 8.98 6.76
CA THR C 191 33.88 8.34 5.72
C THR C 191 34.18 6.91 6.15
N CYS C 192 34.49 6.06 5.16
CA CYS C 192 34.95 4.71 5.45
C CYS C 192 36.20 4.40 4.65
N TRP C 193 37.10 3.65 5.28
CA TRP C 193 38.36 3.24 4.68
C TRP C 193 38.56 1.77 4.98
N TYR C 194 39.30 1.10 4.11
CA TYR C 194 39.78 -0.24 4.42
C TYR C 194 40.79 -0.14 5.54
N GLN C 195 40.51 -0.77 6.67
CA GLN C 195 41.56 -0.92 7.68
C GLN C 195 42.52 -2.03 7.29
N THR C 196 42.02 -3.26 7.18
CA THR C 196 42.84 -4.41 6.80
C THR C 196 42.09 -5.13 5.69
N GLY C 197 42.19 -4.64 4.46
CA GLY C 197 41.82 -5.40 3.27
C GLY C 197 40.48 -6.10 3.22
N ILE C 198 40.28 -6.88 2.16
CA ILE C 198 39.26 -7.92 2.12
C ILE C 198 39.93 -9.16 1.55
N VAL C 199 39.97 -10.22 2.35
CA VAL C 199 40.66 -11.45 1.99
C VAL C 199 39.62 -12.53 1.81
N VAL C 200 39.71 -13.25 0.71
CA VAL C 200 38.68 -14.20 0.32
C VAL C 200 39.38 -15.43 -0.27
N PRO C 201 38.85 -16.63 -0.07
CA PRO C 201 39.45 -17.81 -0.70
C PRO C 201 39.11 -17.94 -2.18
N ALA C 202 39.47 -19.08 -2.76
CA ALA C 202 39.17 -19.33 -4.15
C ALA C 202 37.73 -19.83 -4.31
N GLY C 203 37.18 -19.63 -5.51
CA GLY C 203 35.82 -20.03 -5.74
C GLY C 203 34.80 -19.23 -4.96
N THR C 204 35.17 -18.01 -4.54
CA THR C 204 34.34 -17.12 -3.76
C THR C 204 34.29 -15.79 -4.50
N PRO C 205 33.15 -15.10 -4.49
CA PRO C 205 33.11 -13.79 -5.15
C PRO C 205 34.01 -12.79 -4.44
N THR C 206 34.80 -12.06 -5.23
CA THR C 206 35.81 -11.18 -4.67
C THR C 206 35.29 -9.78 -4.39
N LEU C 207 34.16 -9.43 -5.03
CA LEU C 207 33.53 -8.11 -4.81
C LEU C 207 32.21 -8.31 -4.05
N CYS C 208 32.08 -7.68 -2.88
CA CYS C 208 30.88 -7.77 -2.07
C CYS C 208 30.30 -6.39 -1.83
N SER C 209 29.27 -6.31 -1.00
CA SER C 209 28.56 -5.07 -0.74
C SER C 209 28.46 -4.84 0.75
N ILE C 210 28.18 -3.58 1.11
CA ILE C 210 27.88 -3.17 2.46
C ILE C 210 26.60 -2.36 2.42
N MET C 211 25.76 -2.51 3.43
CA MET C 211 24.53 -1.75 3.53
C MET C 211 24.62 -0.81 4.73
N CYS C 212 23.95 0.33 4.62
CA CYS C 212 23.91 1.34 5.66
C CYS C 212 22.47 1.53 6.12
N PHE C 213 22.28 1.52 7.43
CA PHE C 213 21.00 1.75 8.07
C PHE C 213 21.15 2.97 8.96
N VAL C 214 20.23 3.91 8.87
CA VAL C 214 20.27 5.10 9.71
C VAL C 214 19.10 5.05 10.67
N SER C 215 19.33 5.47 11.90
CA SER C 215 18.27 5.62 12.86
C SER C 215 18.68 6.68 13.87
N ALA C 216 17.72 7.13 14.65
CA ALA C 216 17.95 8.13 15.66
C ALA C 216 18.09 7.45 17.01
N CYS C 217 19.03 7.95 17.82
CA CYS C 217 19.26 7.40 19.14
C CYS C 217 18.14 7.81 20.09
N ASN C 218 18.28 7.47 21.37
CA ASN C 218 17.22 7.75 22.32
C ASN C 218 17.22 9.19 22.82
N ASP C 219 18.28 9.96 22.59
CA ASP C 219 18.31 11.36 22.96
C ASP C 219 17.91 12.28 21.83
N PHE C 220 17.42 11.73 20.72
CA PHE C 220 17.05 12.51 19.56
C PHE C 220 15.72 13.20 19.78
N SER C 221 15.58 14.39 19.20
CA SER C 221 14.35 15.15 19.32
C SER C 221 14.27 16.17 18.20
N VAL C 222 13.04 16.64 17.94
CA VAL C 222 12.75 17.59 16.88
C VAL C 222 11.94 18.75 17.45
N ARG C 223 11.81 19.79 16.63
CA ARG C 223 11.21 21.05 17.04
C ARG C 223 10.77 21.81 15.81
N LEU C 224 9.75 22.66 16.01
CA LEU C 224 9.25 23.63 15.02
C LEU C 224 8.69 22.94 13.78
N LEU C 225 7.54 22.30 14.00
CA LEU C 225 6.70 21.77 12.93
C LEU C 225 6.67 22.67 11.71
N LYS C 226 6.82 22.07 10.53
CA LYS C 226 6.69 22.79 9.27
C LYS C 226 6.15 21.82 8.24
N ASP C 227 6.02 22.28 7.00
CA ASP C 227 5.53 21.45 5.93
C ASP C 227 6.72 20.89 5.14
N THR C 228 6.58 19.65 4.67
CA THR C 228 7.66 19.04 3.90
C THR C 228 7.84 19.77 2.57
N PRO C 229 9.08 19.91 2.11
CA PRO C 229 9.32 20.35 0.74
C PRO C 229 9.20 19.24 -0.29
N PHE C 230 8.62 18.11 0.07
CA PHE C 230 8.65 16.91 -0.75
C PHE C 230 7.40 16.75 -1.59
N ILE C 231 6.23 16.72 -0.95
CA ILE C 231 4.98 16.56 -1.67
C ILE C 231 4.51 17.93 -2.12
N GLU C 232 4.13 18.02 -3.40
CA GLU C 232 3.62 19.25 -4.00
C GLU C 232 2.65 18.85 -5.09
N GLN C 233 1.71 19.73 -5.40
CA GLN C 233 0.72 19.48 -6.42
C GLN C 233 0.48 20.74 -7.23
N SER C 234 -0.02 20.55 -8.45
CA SER C 234 -0.36 21.68 -9.30
C SER C 234 -1.83 22.01 -9.28
N ALA C 235 -2.68 21.07 -8.90
CA ALA C 235 -4.12 21.25 -8.92
C ALA C 235 -4.75 20.28 -7.94
N LEU C 236 -6.05 20.39 -7.76
CA LEU C 236 -6.78 19.54 -6.84
C LEU C 236 -6.96 18.15 -7.45
N LEU C 237 -7.73 17.31 -6.77
CA LEU C 237 -8.08 15.97 -7.25
C LEU C 237 -6.80 15.17 -7.50
N GLN C 238 -6.01 15.07 -6.45
CA GLN C 238 -4.67 14.54 -6.56
C GLN C 238 -4.12 14.26 -5.18
N MET D 1 -17.77 25.61 39.75
CA MET D 1 -17.52 25.14 38.39
C MET D 1 -16.63 23.91 38.43
N GLY D 2 -16.59 23.14 37.35
CA GLY D 2 -15.75 21.96 37.30
C GLY D 2 -14.42 22.22 36.63
N ALA D 3 -13.61 23.09 37.22
CA ALA D 3 -12.38 23.53 36.59
C ALA D 3 -11.26 22.50 36.75
N GLN D 4 -10.49 22.34 35.69
CA GLN D 4 -9.24 21.60 35.72
C GLN D 4 -8.09 22.60 35.77
N VAL D 5 -7.08 22.30 36.57
CA VAL D 5 -5.90 23.14 36.71
C VAL D 5 -4.68 22.30 36.40
N SER D 6 -4.08 22.51 35.24
CA SER D 6 -2.90 21.78 34.81
C SER D 6 -1.72 22.74 34.70
N THR D 7 -0.58 22.20 34.29
CA THR D 7 0.67 22.96 34.21
C THR D 7 0.97 23.34 32.76
N GLN D 8 1.41 24.57 32.58
CA GLN D 8 1.72 25.06 31.26
C GLN D 8 3.06 24.53 30.78
N LYS D 9 3.20 24.47 29.46
CA LYS D 9 4.48 24.09 28.86
C LYS D 9 5.47 25.23 29.09
N THR D 10 6.36 25.03 30.04
CA THR D 10 7.42 25.96 30.38
C THR D 10 8.73 25.39 29.87
N GLY D 11 9.83 26.04 30.22
CA GLY D 11 11.13 25.47 30.00
C GLY D 11 11.47 24.47 31.07
N ALA D 12 12.63 23.83 30.90
CA ALA D 12 13.09 22.85 31.87
C ALA D 12 14.25 23.34 32.72
N HIS D 13 14.87 24.43 32.34
CA HIS D 13 16.03 24.90 33.09
C HIS D 13 15.92 26.34 33.55
N GLU D 14 15.22 27.19 32.80
CA GLU D 14 15.16 28.60 33.15
C GLU D 14 14.27 28.82 34.36
N THR D 15 14.55 29.89 35.10
CA THR D 15 13.86 30.21 36.36
C THR D 15 12.34 30.16 36.25
N ILE D 25 3.87 27.09 36.58
CA ILE D 25 2.73 27.98 36.36
C ILE D 25 1.61 27.22 35.65
N HIS D 26 0.37 27.58 35.95
CA HIS D 26 -0.78 26.78 35.60
C HIS D 26 -1.72 27.53 34.67
N TYR D 27 -2.59 26.76 34.03
CA TYR D 27 -3.70 27.29 33.24
C TYR D 27 -4.97 26.56 33.62
N THR D 28 -6.07 27.30 33.58
CA THR D 28 -7.38 26.78 33.93
C THR D 28 -8.14 26.39 32.67
N ASN D 29 -8.93 25.32 32.80
CA ASN D 29 -9.80 24.87 31.73
C ASN D 29 -11.14 24.47 32.31
N ILE D 30 -12.20 24.90 31.65
CA ILE D 30 -13.56 24.46 31.94
C ILE D 30 -14.16 23.98 30.63
N ASN D 31 -14.82 22.84 30.66
CA ASN D 31 -15.48 22.30 29.47
C ASN D 31 -16.91 22.81 29.44
N TYR D 32 -17.27 23.52 28.38
CA TYR D 32 -18.58 24.13 28.28
C TYR D 32 -19.60 23.26 27.59
N TYR D 33 -19.16 22.43 26.67
CA TYR D 33 -20.05 21.64 25.82
C TYR D 33 -20.28 20.27 26.42
N LYS D 34 -21.33 19.62 25.97
CA LYS D 34 -21.76 18.36 26.57
C LYS D 34 -21.11 17.14 25.95
N ASP D 35 -20.56 17.26 24.75
CA ASP D 35 -19.92 16.15 24.06
C ASP D 35 -18.41 16.27 24.22
N ALA D 36 -17.74 15.13 24.36
CA ALA D 36 -16.29 15.15 24.50
C ALA D 36 -15.58 15.37 23.17
N ALA D 37 -16.24 15.14 22.05
CA ALA D 37 -15.64 15.47 20.76
C ALA D 37 -15.37 16.96 20.61
N SER D 38 -15.88 17.76 21.53
CA SER D 38 -15.85 19.21 21.41
C SER D 38 -14.83 19.85 22.31
N ASN D 39 -14.02 19.06 23.01
CA ASN D 39 -13.00 19.59 23.90
C ASN D 39 -11.79 20.02 23.08
N SER D 40 -10.78 20.51 23.76
CA SER D 40 -9.54 20.87 23.09
C SER D 40 -8.58 19.70 23.06
N ALA D 41 -7.64 19.76 22.12
CA ALA D 41 -6.72 18.66 21.88
C ALA D 41 -5.91 18.33 23.13
N ASN D 42 -5.59 17.04 23.28
CA ASN D 42 -4.77 16.57 24.40
C ASN D 42 -3.31 16.80 24.02
N ARG D 43 -2.91 18.07 24.04
CA ARG D 43 -1.60 18.47 23.58
C ARG D 43 -0.48 17.99 24.49
N GLN D 44 -0.80 17.43 25.66
CA GLN D 44 0.23 17.14 26.66
C GLN D 44 0.21 15.70 27.14
N ASP D 45 0.20 14.73 26.23
CA ASP D 45 0.21 13.31 26.59
C ASP D 45 1.46 12.68 26.00
N PHE D 46 2.45 12.43 26.85
CA PHE D 46 3.81 12.21 26.41
C PHE D 46 4.34 10.82 26.72
N THR D 47 3.45 9.84 26.86
CA THR D 47 3.90 8.47 27.06
C THR D 47 4.48 7.91 25.75
N GLN D 48 5.27 6.86 25.89
CA GLN D 48 6.08 6.38 24.78
C GLN D 48 6.25 4.87 24.85
N ASP D 49 6.51 4.26 23.70
CA ASP D 49 6.87 2.84 23.67
C ASP D 49 7.57 2.49 22.36
N PRO D 50 8.83 2.88 22.17
CA PRO D 50 9.52 2.55 20.91
C PRO D 50 9.81 1.07 20.73
N GLY D 51 9.51 0.23 21.73
CA GLY D 51 9.81 -1.18 21.64
C GLY D 51 8.88 -1.98 20.75
N LYS D 52 7.74 -1.42 20.34
CA LYS D 52 6.90 -2.12 19.40
C LYS D 52 7.58 -2.23 18.05
N PHE D 53 8.40 -1.25 17.71
CA PHE D 53 8.96 -1.09 16.38
C PHE D 53 10.45 -1.37 16.34
N THR D 54 11.19 -0.84 17.30
CA THR D 54 12.53 -1.33 17.58
C THR D 54 12.42 -2.50 18.54
N GLU D 55 13.37 -3.42 18.45
CA GLU D 55 13.35 -4.65 19.23
C GLU D 55 11.98 -5.34 19.32
N PRO D 56 11.31 -5.59 18.18
CA PRO D 56 10.03 -6.30 18.21
C PRO D 56 10.19 -7.81 18.13
N VAL D 57 11.06 -8.36 18.97
CA VAL D 57 11.44 -9.76 18.88
C VAL D 57 11.20 -10.42 20.23
N LYS D 58 10.79 -11.68 20.20
CA LYS D 58 10.98 -12.49 21.38
C LYS D 58 12.47 -12.78 21.51
N ASP D 59 12.88 -13.33 22.65
CA ASP D 59 14.29 -13.51 22.94
C ASP D 59 14.99 -12.16 22.93
N ILE D 60 14.69 -11.37 23.96
CA ILE D 60 15.24 -10.02 24.07
C ILE D 60 16.75 -10.05 23.93
N MET D 61 17.30 -9.01 23.30
CA MET D 61 18.71 -8.92 23.00
C MET D 61 19.39 -7.99 24.01
N ILE D 62 20.56 -8.40 24.49
CA ILE D 62 21.13 -7.79 25.70
C ILE D 62 21.90 -6.51 25.39
N LYS D 63 22.37 -6.33 24.16
CA LYS D 63 23.14 -5.19 23.67
C LYS D 63 24.57 -5.25 24.15
N SER D 64 24.92 -6.13 25.08
CA SER D 64 26.30 -6.40 25.39
C SER D 64 26.74 -7.76 24.86
N MET D 65 25.83 -8.71 24.82
CA MET D 65 26.13 -10.02 24.29
C MET D 65 26.26 -9.95 22.78
N PRO D 66 26.93 -10.92 22.16
CA PRO D 66 27.18 -10.80 20.71
C PRO D 66 25.93 -10.65 19.87
N ALA D 67 24.78 -11.11 20.36
CA ALA D 67 23.46 -11.09 19.69
C ALA D 67 23.27 -12.24 18.72
N LEU D 68 24.21 -13.17 18.64
CA LEU D 68 24.05 -14.38 17.83
C LEU D 68 24.85 -15.48 18.49
N ASN D 69 24.88 -16.66 17.87
CA ASN D 69 25.59 -17.83 18.39
C ASN D 69 25.13 -18.16 19.81
N ASP E 9 -72.26 -33.22 -50.85
CA ASP E 9 -71.40 -32.26 -50.17
C ASP E 9 -71.65 -32.28 -48.67
N CYS E 10 -70.58 -32.36 -47.88
CA CYS E 10 -70.69 -32.23 -46.45
C CYS E 10 -70.71 -30.75 -46.04
N GLY E 11 -71.29 -30.50 -44.87
CA GLY E 11 -71.21 -29.20 -44.23
C GLY E 11 -69.93 -29.06 -43.44
N LEU E 12 -69.98 -28.20 -42.41
CA LEU E 12 -68.80 -27.91 -41.62
C LEU E 12 -68.26 -29.18 -40.95
N PRO E 13 -66.96 -29.38 -40.93
CA PRO E 13 -66.38 -30.56 -40.26
C PRO E 13 -66.61 -30.49 -38.76
N PRO E 14 -66.46 -31.62 -38.05
CA PRO E 14 -66.75 -31.62 -36.62
C PRO E 14 -65.79 -30.75 -35.83
N ASP E 15 -66.31 -30.17 -34.74
CA ASP E 15 -65.47 -29.44 -33.81
C ASP E 15 -64.60 -30.41 -33.03
N VAL E 16 -63.30 -30.11 -32.95
CA VAL E 16 -62.35 -30.90 -32.19
C VAL E 16 -61.75 -30.01 -31.12
N PRO E 17 -61.81 -30.40 -29.84
CA PRO E 17 -61.27 -29.55 -28.78
C PRO E 17 -59.79 -29.29 -28.96
N ASN E 18 -59.41 -28.02 -28.85
CA ASN E 18 -58.01 -27.59 -28.91
C ASN E 18 -57.37 -27.87 -30.27
N ALA E 19 -58.19 -27.95 -31.32
CA ALA E 19 -57.70 -28.10 -32.67
C ALA E 19 -58.56 -27.27 -33.61
N GLN E 20 -57.96 -26.83 -34.72
CA GLN E 20 -58.66 -26.00 -35.69
C GLN E 20 -58.51 -26.64 -37.07
N PRO E 21 -59.59 -26.83 -37.81
CA PRO E 21 -59.48 -27.38 -39.16
C PRO E 21 -59.13 -26.32 -40.19
N ALA E 22 -58.38 -26.74 -41.20
CA ALA E 22 -58.06 -25.90 -42.35
C ALA E 22 -59.19 -26.03 -43.36
N LEU E 23 -60.04 -25.00 -43.43
CA LEU E 23 -61.16 -24.99 -44.36
C LEU E 23 -60.82 -24.35 -45.69
N GLU E 24 -59.78 -23.52 -45.72
CA GLU E 24 -59.32 -22.86 -46.94
C GLU E 24 -60.42 -22.03 -47.59
N GLY E 25 -61.20 -21.35 -46.75
CA GLY E 25 -62.11 -20.31 -47.19
C GLY E 25 -63.44 -20.77 -47.74
N ARG E 26 -63.80 -22.05 -47.58
CA ARG E 26 -65.10 -22.52 -48.05
C ARG E 26 -65.83 -23.23 -46.92
N THR E 27 -67.12 -23.46 -47.14
CA THR E 27 -68.03 -23.98 -46.13
C THR E 27 -68.83 -25.19 -46.58
N SER E 28 -68.71 -25.58 -47.84
CA SER E 28 -69.33 -26.79 -48.38
C SER E 28 -68.24 -27.61 -49.04
N PHE E 29 -68.21 -28.90 -48.76
CA PHE E 29 -67.06 -29.74 -49.12
C PHE E 29 -67.54 -30.93 -49.93
N PRO E 30 -67.03 -31.13 -51.15
CA PRO E 30 -67.46 -32.28 -51.95
C PRO E 30 -67.04 -33.59 -51.29
N GLU E 31 -67.74 -34.65 -51.68
CA GLU E 31 -67.44 -35.97 -51.15
C GLU E 31 -65.97 -36.32 -51.38
N ASP E 32 -65.40 -37.05 -50.42
CA ASP E 32 -64.00 -37.48 -50.36
C ASP E 32 -63.06 -36.36 -49.95
N THR E 33 -63.56 -35.17 -49.64
CA THR E 33 -62.72 -34.10 -49.12
C THR E 33 -62.06 -34.53 -47.82
N VAL E 34 -60.76 -34.29 -47.71
CA VAL E 34 -60.01 -34.56 -46.48
C VAL E 34 -59.62 -33.24 -45.86
N ILE E 35 -60.08 -33.00 -44.63
CA ILE E 35 -59.76 -31.79 -43.89
C ILE E 35 -58.85 -32.15 -42.74
N THR E 36 -57.74 -31.43 -42.60
CA THR E 36 -56.77 -31.67 -41.55
C THR E 36 -56.91 -30.63 -40.45
N TYR E 37 -56.73 -31.06 -39.21
CA TYR E 37 -56.75 -30.17 -38.06
C TYR E 37 -55.32 -29.93 -37.55
N LYS E 38 -55.09 -28.72 -37.04
CA LYS E 38 -53.84 -28.38 -36.37
C LYS E 38 -54.13 -27.94 -34.95
N CYS E 39 -53.29 -28.39 -34.01
CA CYS E 39 -53.49 -28.07 -32.62
C CYS E 39 -53.32 -26.58 -32.36
N GLU E 40 -54.08 -26.08 -31.38
CA GLU E 40 -54.03 -24.67 -31.05
C GLU E 40 -52.80 -24.37 -30.21
N GLU E 41 -52.61 -23.09 -29.87
CA GLU E 41 -51.43 -22.66 -29.13
C GLU E 41 -51.37 -23.36 -27.77
N SER E 42 -50.14 -23.69 -27.35
CA SER E 42 -49.86 -24.40 -26.11
C SER E 42 -50.37 -25.84 -26.13
N PHE E 43 -50.52 -26.43 -27.33
CA PHE E 43 -50.94 -27.81 -27.48
C PHE E 43 -50.05 -28.49 -28.52
N VAL E 44 -49.79 -29.77 -28.30
CA VAL E 44 -48.98 -30.58 -29.21
C VAL E 44 -49.77 -31.80 -29.63
N LYS E 45 -49.71 -32.14 -30.92
CA LYS E 45 -50.41 -33.31 -31.41
C LYS E 45 -49.81 -34.59 -30.84
N ILE E 46 -50.66 -35.58 -30.59
CA ILE E 46 -50.25 -36.83 -29.96
C ILE E 46 -49.79 -37.78 -31.06
N PRO E 47 -48.51 -38.17 -31.09
CA PRO E 47 -48.05 -39.11 -32.12
C PRO E 47 -48.89 -40.37 -32.16
N GLY E 48 -49.13 -40.87 -33.37
CA GLY E 48 -49.92 -42.07 -33.54
C GLY E 48 -51.41 -41.86 -33.57
N GLU E 49 -51.88 -40.65 -33.87
CA GLU E 49 -53.30 -40.36 -33.88
C GLU E 49 -53.70 -39.64 -35.16
N LYS E 50 -54.95 -39.84 -35.56
CA LYS E 50 -55.49 -39.17 -36.73
C LYS E 50 -55.63 -37.67 -36.47
N ASP E 51 -55.37 -36.87 -37.50
CA ASP E 51 -55.56 -35.43 -37.41
C ASP E 51 -56.47 -34.90 -38.51
N SER E 52 -57.29 -35.77 -39.12
CA SER E 52 -58.06 -35.36 -40.28
C SER E 52 -59.36 -36.16 -40.37
N VAL E 53 -60.33 -35.57 -41.06
CA VAL E 53 -61.61 -36.19 -41.33
C VAL E 53 -61.79 -36.29 -42.84
N ILE E 54 -62.82 -37.02 -43.25
CA ILE E 54 -63.12 -37.22 -44.67
C ILE E 54 -64.63 -37.23 -44.86
N CYS E 55 -65.09 -36.56 -45.92
CA CYS E 55 -66.52 -36.45 -46.21
C CYS E 55 -66.98 -37.75 -46.87
N LEU E 56 -67.77 -38.54 -46.16
CA LEU E 56 -68.24 -39.81 -46.65
C LEU E 56 -69.53 -39.64 -47.46
N LYS E 57 -69.99 -40.75 -48.03
CA LYS E 57 -71.30 -40.77 -48.67
C LYS E 57 -72.37 -40.32 -47.69
N GLY E 58 -73.46 -39.78 -48.22
CA GLY E 58 -74.54 -39.33 -47.37
C GLY E 58 -74.28 -38.01 -46.67
N SER E 59 -73.33 -37.21 -47.17
CA SER E 59 -72.98 -35.91 -46.62
C SER E 59 -72.68 -36.01 -45.12
N GLN E 60 -71.73 -36.87 -44.78
CA GLN E 60 -71.38 -37.15 -43.40
C GLN E 60 -69.87 -37.23 -43.27
N TRP E 61 -69.33 -36.63 -42.20
CA TRP E 61 -67.90 -36.69 -41.93
C TRP E 61 -67.57 -37.92 -41.10
N SER E 62 -66.36 -38.43 -41.28
CA SER E 62 -65.84 -39.47 -40.43
C SER E 62 -65.52 -38.90 -39.04
N ASP E 63 -65.52 -39.79 -38.04
CA ASP E 63 -65.28 -39.36 -36.67
C ASP E 63 -63.80 -39.12 -36.43
N ILE E 64 -63.52 -38.18 -35.53
CA ILE E 64 -62.16 -37.86 -35.10
C ILE E 64 -62.20 -37.64 -33.59
N GLU E 65 -61.18 -38.13 -32.90
CA GLU E 65 -61.06 -37.94 -31.46
C GLU E 65 -59.98 -36.91 -31.19
N GLU E 66 -60.04 -36.32 -29.99
CA GLU E 66 -59.04 -35.36 -29.56
C GLU E 66 -57.65 -35.96 -29.73
N PHE E 67 -56.77 -35.21 -30.40
CA PHE E 67 -55.42 -35.67 -30.69
C PHE E 67 -54.37 -34.66 -30.24
N CYS E 68 -54.78 -33.60 -29.55
CA CYS E 68 -53.90 -32.56 -29.06
C CYS E 68 -53.81 -32.63 -27.54
N ASN E 69 -52.62 -32.30 -27.03
CA ASN E 69 -52.34 -32.38 -25.61
C ASN E 69 -51.28 -31.34 -25.24
N ARG E 70 -50.67 -31.46 -24.06
CA ARG E 70 -49.71 -30.41 -23.58
C ARG E 70 -48.19 -30.68 -23.74
N SER E 71 -47.38 -29.65 -23.43
CA SER E 71 -45.89 -29.71 -23.50
C SER E 71 -45.12 -28.43 -23.11
N CYS E 72 -43.81 -28.54 -22.81
CA CYS E 72 -42.97 -27.37 -22.51
C CYS E 72 -42.40 -26.84 -23.81
N GLU E 73 -41.92 -25.59 -23.84
CA GLU E 73 -41.26 -25.08 -25.02
C GLU E 73 -39.98 -25.88 -25.28
N VAL E 74 -39.40 -25.66 -26.45
CA VAL E 74 -38.08 -26.19 -26.77
C VAL E 74 -37.13 -25.67 -25.70
N PRO E 75 -36.29 -26.51 -25.11
CA PRO E 75 -35.38 -26.04 -24.06
C PRO E 75 -34.53 -24.87 -24.53
N THR E 76 -34.38 -23.88 -23.66
CA THR E 76 -33.67 -22.65 -24.02
C THR E 76 -32.20 -22.95 -24.34
N ARG E 77 -31.62 -22.12 -25.20
CA ARG E 77 -30.27 -22.33 -25.67
C ARG E 77 -29.25 -22.04 -24.56
N LEU E 78 -28.39 -23.01 -24.27
CA LEU E 78 -27.32 -22.86 -23.30
C LEU E 78 -25.98 -22.69 -24.01
N ASN E 79 -25.18 -21.74 -23.52
CA ASN E 79 -23.85 -21.55 -24.07
C ASN E 79 -22.90 -22.67 -23.68
N SER E 80 -23.20 -23.39 -22.60
CA SER E 80 -22.29 -24.39 -22.07
C SER E 80 -22.58 -25.80 -22.58
N ALA E 81 -23.81 -26.07 -22.99
CA ALA E 81 -24.19 -27.44 -23.32
C ALA E 81 -25.24 -27.42 -24.43
N SER E 82 -25.27 -28.51 -25.19
CA SER E 82 -26.24 -28.69 -26.26
C SER E 82 -27.02 -29.97 -26.05
N LEU E 83 -28.27 -29.96 -26.49
CA LEU E 83 -29.13 -31.14 -26.33
C LEU E 83 -28.56 -32.32 -27.08
N LYS E 84 -28.64 -33.50 -26.46
CA LYS E 84 -28.22 -34.71 -27.14
C LYS E 84 -29.31 -35.19 -28.09
N GLN E 85 -28.91 -36.01 -29.05
CA GLN E 85 -29.86 -36.73 -29.87
C GLN E 85 -30.65 -37.69 -28.97
N PRO E 86 -31.96 -37.84 -29.16
CA PRO E 86 -32.83 -37.27 -30.21
C PRO E 86 -33.53 -35.99 -29.78
N TYR E 87 -33.30 -35.55 -28.54
CA TYR E 87 -34.01 -34.38 -28.02
C TYR E 87 -33.77 -33.14 -28.86
N ILE E 88 -32.59 -33.05 -29.49
CA ILE E 88 -32.23 -31.85 -30.23
C ILE E 88 -33.10 -31.65 -31.47
N THR E 89 -33.78 -32.70 -31.94
CA THR E 89 -34.69 -32.58 -33.07
C THR E 89 -36.16 -32.56 -32.67
N GLN E 90 -36.46 -32.65 -31.38
CA GLN E 90 -37.83 -32.84 -30.92
C GLN E 90 -38.47 -31.52 -30.52
N ASN E 91 -39.80 -31.48 -30.62
CA ASN E 91 -40.60 -30.33 -30.22
C ASN E 91 -41.79 -30.71 -29.35
N TYR E 92 -41.98 -32.00 -29.06
CA TYR E 92 -43.07 -32.47 -28.21
C TYR E 92 -42.49 -32.88 -26.86
N PHE E 93 -42.81 -32.11 -25.82
CA PHE E 93 -42.22 -32.30 -24.49
C PHE E 93 -43.31 -32.22 -23.43
N PRO E 94 -44.15 -33.25 -23.33
CA PRO E 94 -45.20 -33.25 -22.29
C PRO E 94 -44.60 -33.28 -20.90
N VAL E 95 -45.46 -33.01 -19.91
CA VAL E 95 -45.03 -32.96 -18.52
C VAL E 95 -44.41 -34.29 -18.13
N GLY E 96 -43.23 -34.24 -17.53
CA GLY E 96 -42.49 -35.43 -17.19
C GLY E 96 -41.43 -35.83 -18.18
N THR E 97 -41.26 -35.07 -19.27
CA THR E 97 -40.23 -35.38 -20.24
C THR E 97 -38.87 -34.93 -19.72
N VAL E 98 -37.90 -35.84 -19.77
CA VAL E 98 -36.54 -35.55 -19.33
C VAL E 98 -35.64 -35.61 -20.57
N VAL E 99 -34.94 -34.52 -20.85
CA VAL E 99 -33.97 -34.47 -21.92
C VAL E 99 -32.58 -34.53 -21.30
N GLU E 100 -31.57 -34.73 -22.15
CA GLU E 100 -30.18 -34.80 -21.68
C GLU E 100 -29.32 -33.89 -22.54
N TYR E 101 -28.32 -33.27 -21.91
CA TYR E 101 -27.38 -32.38 -22.55
C TYR E 101 -26.00 -33.01 -22.62
N GLU E 102 -25.17 -32.44 -23.49
CA GLU E 102 -23.74 -32.73 -23.55
C GLU E 102 -23.01 -31.41 -23.69
N CYS E 103 -21.75 -31.39 -23.24
CA CYS E 103 -21.04 -30.12 -23.16
C CYS E 103 -20.65 -29.62 -24.54
N ARG E 104 -20.82 -28.33 -24.76
CA ARG E 104 -20.33 -27.68 -25.95
C ARG E 104 -18.81 -27.55 -25.88
N PRO E 105 -18.16 -27.39 -27.02
CA PRO E 105 -16.71 -27.16 -27.01
C PRO E 105 -16.36 -25.95 -26.14
N GLY E 106 -15.24 -26.04 -25.45
CA GLY E 106 -14.86 -25.07 -24.44
C GLY E 106 -15.30 -25.42 -23.04
N TYR E 107 -16.22 -26.37 -22.88
CA TYR E 107 -16.73 -26.76 -21.57
C TYR E 107 -16.49 -28.25 -21.35
N ARG E 108 -16.52 -28.66 -20.07
CA ARG E 108 -16.41 -30.06 -19.71
C ARG E 108 -17.39 -30.34 -18.58
N ARG E 109 -17.73 -31.61 -18.41
CA ARG E 109 -18.75 -31.99 -17.44
C ARG E 109 -18.29 -31.73 -16.01
N GLU E 110 -19.21 -31.23 -15.19
CA GLU E 110 -19.06 -31.23 -13.74
C GLU E 110 -19.72 -32.50 -13.23
N PRO E 111 -18.94 -33.54 -12.91
CA PRO E 111 -19.54 -34.87 -12.68
C PRO E 111 -20.54 -34.93 -11.54
N SER E 112 -20.43 -34.07 -10.53
CA SER E 112 -21.39 -34.14 -9.43
C SER E 112 -22.76 -33.59 -9.80
N LEU E 113 -22.91 -32.98 -10.97
CA LEU E 113 -24.15 -32.35 -11.38
C LEU E 113 -24.76 -33.10 -12.55
N SER E 114 -26.10 -33.19 -12.55
CA SER E 114 -26.85 -33.89 -13.59
C SER E 114 -26.96 -33.02 -14.84
N PRO E 115 -26.80 -33.61 -16.02
CA PRO E 115 -27.00 -32.85 -17.27
C PRO E 115 -28.37 -33.06 -17.88
N LYS E 116 -29.40 -33.16 -17.03
CA LYS E 116 -30.76 -33.44 -17.49
C LYS E 116 -31.71 -32.35 -17.02
N LEU E 117 -32.69 -32.02 -17.87
CA LEU E 117 -33.77 -31.11 -17.51
C LEU E 117 -35.09 -31.85 -17.63
N THR E 118 -35.99 -31.59 -16.68
CA THR E 118 -37.32 -32.19 -16.67
C THR E 118 -38.37 -31.11 -16.97
N CYS E 119 -39.33 -31.47 -17.83
CA CYS E 119 -40.47 -30.61 -18.06
C CYS E 119 -41.44 -30.72 -16.88
N LEU E 120 -41.64 -29.61 -16.18
CA LEU E 120 -42.43 -29.60 -14.96
C LEU E 120 -43.92 -29.43 -15.28
N GLN E 121 -44.75 -29.49 -14.23
CA GLN E 121 -46.20 -29.43 -14.42
C GLN E 121 -46.66 -28.07 -14.89
N ASN E 122 -45.92 -27.00 -14.57
CA ASN E 122 -46.28 -25.66 -15.02
C ASN E 122 -45.78 -25.36 -16.42
N LEU E 123 -45.35 -26.39 -17.17
CA LEU E 123 -44.89 -26.26 -18.56
C LEU E 123 -43.58 -25.49 -18.66
N LYS E 124 -42.73 -25.58 -17.64
CA LYS E 124 -41.42 -24.98 -17.66
C LYS E 124 -40.37 -26.05 -17.38
N TRP E 125 -39.15 -25.79 -17.83
CA TRP E 125 -38.05 -26.71 -17.59
C TRP E 125 -37.44 -26.46 -16.22
N SER E 126 -36.91 -27.53 -15.62
CA SER E 126 -36.39 -27.45 -14.26
C SER E 126 -35.18 -26.52 -14.20
N THR E 127 -34.74 -26.24 -12.97
CA THR E 127 -33.70 -25.25 -12.75
C THR E 127 -32.37 -25.68 -13.38
N ALA E 128 -31.70 -24.72 -14.01
CA ALA E 128 -30.43 -24.98 -14.67
C ALA E 128 -29.29 -24.93 -13.66
N VAL E 129 -28.45 -25.96 -13.67
CA VAL E 129 -27.22 -26.00 -12.89
C VAL E 129 -26.05 -26.12 -13.86
N GLU E 130 -24.87 -25.74 -13.38
CA GLU E 130 -23.67 -25.70 -14.21
C GLU E 130 -23.08 -27.11 -14.34
N PHE E 131 -23.85 -27.99 -14.99
CA PHE E 131 -23.36 -29.35 -15.22
C PHE E 131 -22.24 -29.40 -16.25
N CYS E 132 -22.14 -28.38 -17.10
CA CYS E 132 -20.98 -28.20 -17.97
C CYS E 132 -20.30 -26.90 -17.57
N LYS E 133 -19.02 -27.02 -17.15
CA LYS E 133 -18.26 -25.86 -16.70
C LYS E 133 -17.16 -25.49 -17.69
N LYS E 134 -16.71 -24.25 -17.66
CA LYS E 134 -15.75 -23.80 -18.67
C LYS E 134 -14.45 -24.57 -18.75
N LYS E 135 -13.95 -24.87 -19.93
CA LYS E 135 -12.75 -25.66 -20.02
C LYS E 135 -11.70 -24.63 -19.87
N SER E 136 -10.68 -24.89 -19.08
CA SER E 136 -9.69 -23.80 -18.85
C SER E 136 -8.39 -24.00 -19.63
N CYS E 137 -7.75 -22.90 -20.07
CA CYS E 137 -6.47 -22.97 -20.74
C CYS E 137 -5.35 -23.10 -19.72
N PRO E 138 -4.18 -23.58 -20.13
CA PRO E 138 -3.05 -23.70 -19.19
C PRO E 138 -2.65 -22.35 -18.60
N ASN E 139 -1.88 -22.44 -17.52
CA ASN E 139 -1.24 -21.26 -16.94
C ASN E 139 -0.50 -20.50 -18.04
N PRO E 140 -0.76 -19.20 -18.21
CA PRO E 140 -0.04 -18.44 -19.24
C PRO E 140 1.45 -18.33 -18.98
N GLY E 141 1.90 -18.53 -17.75
CA GLY E 141 3.32 -18.48 -17.45
C GLY E 141 3.83 -17.09 -17.16
N GLU E 142 5.02 -16.77 -17.66
CA GLU E 142 5.62 -15.47 -17.39
C GLU E 142 6.52 -15.05 -18.54
N ILE E 143 6.63 -13.74 -18.73
CA ILE E 143 7.51 -13.15 -19.73
C ILE E 143 8.64 -12.44 -19.01
N ARG E 144 9.88 -12.84 -19.30
CA ARG E 144 11.02 -12.19 -18.67
C ARG E 144 11.10 -10.74 -19.11
N ASN E 145 11.20 -9.84 -18.12
CA ASN E 145 11.25 -8.39 -18.34
C ASN E 145 9.98 -7.87 -18.99
N GLY E 146 8.87 -8.62 -18.88
CA GLY E 146 7.60 -8.19 -19.38
C GLY E 146 6.47 -8.57 -18.44
N GLN E 147 5.23 -8.41 -18.90
CA GLN E 147 4.08 -8.73 -18.07
C GLN E 147 2.97 -9.29 -18.93
N ILE E 148 2.18 -10.17 -18.32
CA ILE E 148 0.98 -10.72 -18.94
C ILE E 148 -0.22 -10.12 -18.23
N ASP E 149 -1.07 -9.42 -18.99
CA ASP E 149 -2.35 -8.90 -18.53
C ASP E 149 -3.39 -10.01 -18.72
N VAL E 150 -3.98 -10.47 -17.63
CA VAL E 150 -5.09 -11.44 -17.65
C VAL E 150 -6.34 -10.79 -17.08
N PRO E 151 -7.22 -10.14 -17.86
CA PRO E 151 -8.23 -9.29 -17.23
C PRO E 151 -9.45 -10.04 -16.81
N GLY E 152 -9.73 -11.23 -17.35
CA GLY E 152 -11.01 -11.88 -16.98
C GLY E 152 -10.94 -13.38 -16.84
N GLY E 153 -9.80 -13.91 -16.44
CA GLY E 153 -9.61 -15.35 -16.33
C GLY E 153 -8.94 -15.96 -17.56
N ILE E 154 -8.81 -17.28 -17.50
CA ILE E 154 -8.10 -18.01 -18.56
C ILE E 154 -8.97 -19.14 -19.08
N LEU E 155 -10.29 -19.00 -18.93
CA LEU E 155 -11.21 -20.01 -19.42
C LEU E 155 -11.43 -19.87 -20.93
N PHE E 156 -12.15 -20.84 -21.48
CA PHE E 156 -12.50 -20.84 -22.91
C PHE E 156 -13.04 -19.48 -23.34
N GLY E 157 -12.42 -18.91 -24.37
CA GLY E 157 -12.80 -17.62 -24.89
C GLY E 157 -12.08 -16.43 -24.29
N ALA E 158 -11.20 -16.64 -23.31
CA ALA E 158 -10.55 -15.53 -22.64
C ALA E 158 -9.49 -14.89 -23.54
N THR E 159 -9.16 -13.65 -23.21
CA THR E 159 -8.11 -12.89 -23.87
C THR E 159 -7.06 -12.50 -22.85
N ILE E 160 -5.79 -12.56 -23.26
CA ILE E 160 -4.69 -12.02 -22.46
C ILE E 160 -3.78 -11.23 -23.40
N SER E 161 -3.07 -10.27 -22.84
CA SER E 161 -2.21 -9.40 -23.62
C SER E 161 -0.85 -9.26 -22.95
N PHE E 162 0.15 -8.93 -23.77
CA PHE E 162 1.54 -8.93 -23.35
C PHE E 162 2.16 -7.56 -23.55
N SER E 163 3.08 -7.20 -22.64
CA SER E 163 3.81 -5.96 -22.72
C SER E 163 5.20 -6.20 -22.13
N CYS E 164 6.07 -5.22 -22.32
CA CYS E 164 7.43 -5.30 -21.80
C CYS E 164 7.70 -4.13 -20.87
N ASN E 165 8.56 -4.37 -19.88
CA ASN E 165 8.92 -3.33 -18.94
C ASN E 165 9.72 -2.24 -19.65
N THR E 166 9.81 -1.09 -18.98
CA THR E 166 10.58 0.04 -19.49
C THR E 166 11.99 -0.40 -19.85
N GLY E 167 12.41 -0.06 -21.06
CA GLY E 167 13.72 -0.46 -21.56
C GLY E 167 13.75 -1.73 -22.35
N TYR E 168 12.60 -2.36 -22.61
CA TYR E 168 12.53 -3.60 -23.36
C TYR E 168 11.45 -3.49 -24.44
N LYS E 169 11.70 -4.16 -25.56
CA LYS E 169 10.82 -4.13 -26.71
C LYS E 169 10.21 -5.52 -26.93
N LEU E 170 8.92 -5.55 -27.23
CA LEU E 170 8.21 -6.81 -27.42
C LEU E 170 8.44 -7.32 -28.84
N PHE E 171 8.86 -8.57 -28.95
CA PHE E 171 8.96 -9.27 -30.22
C PHE E 171 8.13 -10.54 -30.14
N GLY E 172 7.17 -10.67 -31.04
CA GLY E 172 6.21 -11.77 -30.99
C GLY E 172 4.79 -11.26 -30.92
N SER E 173 3.86 -12.11 -30.51
CA SER E 173 2.46 -11.74 -30.44
C SER E 173 2.19 -10.85 -29.24
N THR E 174 1.32 -9.86 -29.43
CA THR E 174 0.93 -8.94 -28.38
C THR E 174 -0.30 -9.40 -27.60
N SER E 175 -0.93 -10.49 -28.01
CA SER E 175 -2.13 -10.99 -27.33
C SER E 175 -2.26 -12.47 -27.62
N SER E 176 -3.20 -13.10 -26.92
CA SER E 176 -3.48 -14.52 -27.13
C SER E 176 -4.86 -14.83 -26.56
N PHE E 177 -5.54 -15.79 -27.18
CA PHE E 177 -6.91 -16.14 -26.84
C PHE E 177 -7.01 -17.63 -26.54
N CYS E 178 -7.82 -17.96 -25.54
CA CYS E 178 -8.12 -19.35 -25.19
C CYS E 178 -9.19 -19.85 -26.15
N LEU E 179 -8.78 -20.65 -27.14
CA LEU E 179 -9.68 -21.16 -28.15
C LEU E 179 -9.66 -22.68 -28.14
N ILE E 180 -10.72 -23.27 -28.71
CA ILE E 180 -10.83 -24.71 -28.73
C ILE E 180 -9.79 -25.31 -29.67
N SER E 181 -9.15 -26.39 -29.24
CA SER E 181 -8.10 -27.05 -30.02
C SER E 181 -8.36 -28.55 -29.95
N GLY E 182 -9.09 -29.07 -30.93
CA GLY E 182 -9.42 -30.49 -30.94
C GLY E 182 -10.21 -30.87 -29.71
N SER E 183 -9.61 -31.71 -28.87
CA SER E 183 -10.30 -32.24 -27.70
C SER E 183 -10.29 -31.29 -26.51
N SER E 184 -9.54 -30.20 -26.57
CA SER E 184 -9.35 -29.34 -25.40
C SER E 184 -9.41 -27.88 -25.84
N VAL E 185 -8.85 -27.00 -25.01
CA VAL E 185 -8.66 -25.60 -25.33
C VAL E 185 -7.20 -25.26 -25.12
N GLN E 186 -6.66 -24.39 -25.97
CA GLN E 186 -5.26 -24.01 -25.92
C GLN E 186 -5.13 -22.53 -26.26
N TRP E 187 -3.98 -21.97 -25.91
CA TRP E 187 -3.72 -20.57 -26.23
C TRP E 187 -3.43 -20.41 -27.72
N SER E 188 -4.02 -19.38 -28.33
CA SER E 188 -3.84 -19.16 -29.75
C SER E 188 -2.38 -18.92 -30.12
N ASP E 189 -1.68 -18.13 -29.32
CA ASP E 189 -0.34 -17.70 -29.67
C ASP E 189 0.62 -17.96 -28.51
N PRO E 190 1.89 -18.22 -28.83
CA PRO E 190 2.88 -18.46 -27.77
C PRO E 190 3.35 -17.17 -27.13
N LEU E 191 3.98 -17.32 -25.98
CA LEU E 191 4.45 -16.16 -25.22
C LEU E 191 5.49 -15.40 -26.03
N PRO E 192 5.37 -14.07 -26.13
CA PRO E 192 6.38 -13.30 -26.88
C PRO E 192 7.66 -13.13 -26.08
N GLU E 193 8.57 -12.31 -26.61
CA GLU E 193 9.87 -12.07 -26.00
C GLU E 193 10.05 -10.58 -25.79
N CYS E 194 10.74 -10.23 -24.70
CA CYS E 194 11.04 -8.84 -24.37
C CYS E 194 12.55 -8.64 -24.52
N ARG E 195 12.94 -7.85 -25.52
CA ARG E 195 14.33 -7.64 -25.86
C ARG E 195 14.78 -6.24 -25.43
N GLU E 196 15.98 -6.16 -24.87
CA GLU E 196 16.50 -4.90 -24.35
C GLU E 196 16.70 -3.89 -25.46
N ILE E 197 16.60 -2.68 -25.00
CA ILE E 197 16.79 -1.71 -26.15
C ILE E 197 18.19 -1.06 -26.18
N TYR E 198 18.69 -0.53 -27.34
CA TYR E 198 19.96 0.18 -27.20
C TYR E 198 19.76 1.65 -27.50
N CYS E 199 20.38 2.50 -26.69
CA CYS E 199 20.49 3.91 -27.02
C CYS E 199 21.42 4.07 -28.22
N PRO E 200 21.34 5.20 -28.92
CA PRO E 200 22.36 5.49 -29.94
C PRO E 200 23.72 5.62 -29.29
N ALA E 201 24.77 5.52 -30.11
CA ALA E 201 26.12 5.67 -29.61
C ALA E 201 26.26 7.00 -28.88
N PRO E 202 26.88 7.03 -27.70
CA PRO E 202 26.98 8.28 -26.96
C PRO E 202 27.80 9.28 -27.74
N PRO E 203 27.51 10.57 -27.61
CA PRO E 203 28.25 11.57 -28.38
C PRO E 203 29.61 11.85 -27.75
N GLN E 204 30.60 12.06 -28.62
CA GLN E 204 31.91 12.52 -28.18
C GLN E 204 31.86 14.01 -27.92
N ILE E 205 32.84 14.50 -27.17
CA ILE E 205 32.90 15.92 -26.80
C ILE E 205 34.28 16.46 -27.09
N ASP E 206 34.34 17.74 -27.47
CA ASP E 206 35.61 18.41 -27.69
C ASP E 206 36.43 18.44 -26.41
N ASN E 207 37.71 18.11 -26.53
CA ASN E 207 38.69 18.22 -25.45
C ASN E 207 38.33 17.36 -24.25
N GLY E 208 37.51 16.33 -24.46
CA GLY E 208 37.22 15.35 -23.43
C GLY E 208 37.07 13.97 -24.06
N ILE E 209 36.96 12.97 -23.19
CA ILE E 209 36.81 11.59 -23.63
C ILE E 209 35.63 10.95 -22.90
N ILE E 210 35.21 9.82 -23.43
CA ILE E 210 34.36 8.89 -22.70
C ILE E 210 35.26 7.89 -22.00
N GLN E 211 35.00 7.64 -20.72
CA GLN E 211 35.82 6.71 -19.95
C GLN E 211 35.37 5.28 -20.23
N GLY E 212 36.22 4.53 -20.94
CA GLY E 212 35.91 3.12 -21.25
C GLY E 212 34.58 2.97 -21.97
N GLU E 213 34.48 3.55 -23.17
CA GLU E 213 33.23 3.46 -23.92
C GLU E 213 32.90 2.01 -24.24
N ARG E 214 31.63 1.64 -24.09
CA ARG E 214 31.16 0.30 -24.35
C ARG E 214 30.48 0.23 -25.72
N ASP E 215 30.32 -0.99 -26.24
CA ASP E 215 29.72 -1.16 -27.56
C ASP E 215 28.25 -0.76 -27.55
N HIS E 216 27.50 -1.25 -26.57
CA HIS E 216 26.06 -1.11 -26.55
C HIS E 216 25.63 -0.60 -25.18
N TYR E 217 24.73 0.37 -25.17
CA TYR E 217 24.21 0.95 -23.94
C TYR E 217 22.71 0.70 -23.88
N GLY E 218 22.26 0.05 -22.82
CA GLY E 218 20.86 -0.20 -22.58
C GLY E 218 20.28 0.67 -21.49
N TYR E 219 19.04 0.35 -21.13
CA TYR E 219 18.25 1.19 -20.24
C TYR E 219 19.01 1.51 -18.95
N ARG E 220 19.09 2.80 -18.65
CA ARG E 220 19.67 3.34 -17.41
C ARG E 220 21.19 3.15 -17.32
N GLN E 221 21.82 2.60 -18.35
CA GLN E 221 23.28 2.52 -18.34
C GLN E 221 23.88 3.91 -18.59
N SER E 222 25.06 4.15 -18.03
CA SER E 222 25.63 5.49 -17.96
C SER E 222 26.95 5.57 -18.71
N VAL E 223 27.21 6.76 -19.27
CA VAL E 223 28.45 7.08 -19.96
C VAL E 223 29.14 8.19 -19.17
N THR E 224 30.36 7.94 -18.72
CA THR E 224 31.11 8.90 -17.91
C THR E 224 32.12 9.64 -18.75
N TYR E 225 32.08 10.97 -18.70
CA TYR E 225 32.99 11.82 -19.46
C TYR E 225 34.11 12.34 -18.57
N ALA E 226 35.24 12.66 -19.19
CA ALA E 226 36.40 13.21 -18.50
C ALA E 226 37.10 14.19 -19.42
N CYS E 227 37.45 15.35 -18.90
CA CYS E 227 38.14 16.35 -19.70
C CYS E 227 39.64 16.07 -19.75
N ASN E 228 40.27 16.48 -20.84
CA ASN E 228 41.71 16.34 -20.98
C ASN E 228 42.42 17.38 -20.10
N LYS E 229 43.71 17.12 -19.84
CA LYS E 229 44.50 17.97 -18.95
C LYS E 229 44.44 19.42 -19.42
N GLY E 230 44.26 20.33 -18.45
CA GLY E 230 44.17 21.74 -18.75
C GLY E 230 42.79 22.22 -19.13
N PHE E 231 41.78 21.36 -19.12
CA PHE E 231 40.42 21.72 -19.50
C PHE E 231 39.48 21.53 -18.33
N THR E 232 38.52 22.45 -18.22
CA THR E 232 37.62 22.52 -17.08
C THR E 232 36.25 21.97 -17.45
N MSE E 233 35.75 21.04 -16.64
CA MSE E 233 34.44 20.46 -16.92
C MSE E 233 33.31 21.38 -16.51
O MSE E 233 33.30 21.92 -15.39
CB MSE E 233 34.30 19.12 -16.19
CG MSE E 233 32.88 18.55 -16.27
SE MSE E 233 32.83 16.70 -15.74
CE MSE E 233 33.90 15.95 -17.19
N ILE E 234 32.34 21.55 -17.41
CA ILE E 234 31.13 22.32 -17.15
C ILE E 234 29.95 21.47 -17.62
N GLY E 235 29.20 20.92 -16.68
CA GLY E 235 28.05 20.11 -16.99
C GLY E 235 28.08 18.80 -16.24
N GLU E 236 27.19 17.90 -16.63
CA GLU E 236 27.04 16.63 -15.94
C GLU E 236 28.25 15.74 -16.21
N HIS E 237 28.77 15.13 -15.14
CA HIS E 237 29.92 14.25 -15.28
C HIS E 237 29.58 12.99 -16.08
N SER E 238 28.30 12.64 -16.18
CA SER E 238 27.89 11.44 -16.91
C SER E 238 26.45 11.63 -17.36
N ILE E 239 26.04 10.84 -18.35
CA ILE E 239 24.67 10.78 -18.82
C ILE E 239 24.26 9.32 -18.95
N TYR E 240 22.95 9.09 -18.96
CA TYR E 240 22.45 7.73 -18.93
C TYR E 240 21.35 7.54 -19.96
N CYS E 241 21.11 6.27 -20.29
CA CYS E 241 20.17 5.90 -21.34
C CYS E 241 18.75 5.84 -20.81
N THR E 242 17.88 6.68 -21.36
CA THR E 242 16.44 6.59 -21.14
C THR E 242 15.79 5.81 -22.29
N VAL E 243 14.62 5.24 -22.01
CA VAL E 243 13.92 4.41 -22.98
C VAL E 243 12.43 4.68 -22.87
N ASN E 244 11.83 5.14 -23.97
CA ASN E 244 10.40 5.37 -24.04
C ASN E 244 9.88 5.06 -25.43
N ASN E 245 8.66 4.54 -25.49
CA ASN E 245 8.01 4.07 -26.72
C ASN E 245 8.97 3.24 -27.56
N ASP E 246 9.68 2.33 -26.89
CA ASP E 246 10.60 1.38 -27.52
C ASP E 246 11.79 2.08 -28.19
N GLU E 247 12.08 3.32 -27.82
CA GLU E 247 13.20 4.05 -28.40
C GLU E 247 14.08 4.61 -27.29
N GLY E 248 15.39 4.45 -27.45
CA GLY E 248 16.33 4.94 -26.47
C GLY E 248 16.77 6.37 -26.77
N GLU E 249 17.14 7.09 -25.71
CA GLU E 249 17.61 8.45 -25.84
C GLU E 249 18.40 8.81 -24.58
N TRP E 250 19.50 9.53 -24.78
CA TRP E 250 20.33 9.90 -23.65
C TRP E 250 19.64 10.96 -22.79
N SER E 251 19.95 10.95 -21.50
CA SER E 251 19.24 11.77 -20.53
C SER E 251 19.43 13.27 -20.77
N GLY E 252 20.47 13.65 -21.49
CA GLY E 252 20.73 15.04 -21.77
C GLY E 252 22.07 15.28 -22.42
N PRO E 253 22.46 16.54 -22.55
CA PRO E 253 23.70 16.85 -23.26
C PRO E 253 24.90 16.40 -22.45
N PRO E 254 26.00 16.03 -23.13
CA PRO E 254 27.23 15.73 -22.41
C PRO E 254 27.86 17.02 -21.90
N PRO E 255 28.82 16.95 -20.99
CA PRO E 255 29.41 18.17 -20.43
C PRO E 255 30.33 18.84 -21.44
N GLU E 256 30.66 20.10 -21.13
CA GLU E 256 31.62 20.87 -21.89
C GLU E 256 32.98 20.80 -21.20
N CYS E 257 34.04 20.74 -22.01
CA CYS E 257 35.41 20.87 -21.53
C CYS E 257 35.99 22.14 -22.15
N ARG E 258 36.13 23.18 -21.33
CA ARG E 258 36.53 24.51 -21.77
C ARG E 258 37.95 24.81 -21.29
N GLY E 259 38.72 25.49 -22.14
CA GLY E 259 40.10 25.80 -21.79
C GLY E 259 40.25 27.15 -21.11
C1 SPH F . -9.37 9.51 7.60
O1 SPH F . -8.21 9.16 6.89
C2 SPH F . -10.49 9.85 6.60
N2 SPH F . -11.60 8.93 6.75
C3 SPH F . -10.95 11.29 6.80
O3 SPH F . -11.93 11.66 5.86
C4 SPH F . -11.44 11.54 8.18
C5 SPH F . -11.93 12.89 8.48
C6 SPH F . -13.24 13.09 9.19
C7 SPH F . -14.37 12.86 8.21
C8 SPH F . -15.70 12.82 8.94
C9 SPH F . -16.29 14.21 9.05
C10 SPH F . -17.62 14.27 8.31
C11 SPH F . -18.23 15.66 8.44
C12 SPH F . -17.18 16.73 8.22
C13 SPH F . -17.81 18.05 7.79
C14 SPH F . -19.14 18.30 8.49
C15 SPH F . -19.56 19.75 8.31
C16 SPH F . -20.80 20.10 9.12
C17 SPH F . -21.51 21.27 8.48
C18 SPH F . -22.69 21.72 9.34
#